data_7B5F
#
_entry.id   7B5F
#
_cell.length_a   1.00
_cell.length_b   1.00
_cell.length_c   1.00
_cell.angle_alpha   90.00
_cell.angle_beta   90.00
_cell.angle_gamma   90.00
#
_symmetry.space_group_name_H-M   'P 1'
#
loop_
_entity.id
_entity.type
_entity.pdbx_description
1 polymer 'Echovirus 18 viral protein 3'
2 polymer 'Echovirus 18 viral protein 4'
3 polymer 'Echovirus 18 viral protein 1'
4 polymer 'Echovirus 18 viral protein 2'
5 polymer 'IgG receptor FcRn large subunit p51'
6 polymer Beta-2-microglobulin
7 non-polymer 'PALMITIC ACID'
8 non-polymer GUANINE
#
loop_
_entity_poly.entity_id
_entity_poly.type
_entity_poly.pdbx_seq_one_letter_code
_entity_poly.pdbx_strand_id
1 'polypeptide(L)'
;GVPVLNTPGSNQFLTSDDYQSPSAMPQFDETPEMHIPGEVRNLMEIAEVDSVVPVNNVTGKTKSMDAYQIPVGTGNTDKT
KPIFSFQMDPGYSSVLKRTLLGEMLNYYAHWSGSVKLTFLFCGSAMATGKLLISYSPPGASVPTSRKDAMLGTHIVWDIG
LQSSCVLCVPWISQSHYRMVQQDPYTSAGYITCWYQTNIVVPPGAPTSCDVLCFASACNDFSVRLLRDTPFMAQPGKLQ
;
C
2 'polypeptide(L)' MGAQVSTQKTGAHETSLSAKGNSIIHYTNINFYKDAASSASNRQDIQQDPGKFTDPVKDLMIKTLPALN D
3 'polypeptide(L)'
;GDNQDRTVANTQPSGPSNSTEIPALTAVETGHTSQVDPSDTIQTRHVVNFHSRSESTIENFMGRAACVFMDQYKINGEET
STDRFAVWTINIREMAQLRRKCEMFTYMRFDIEMTMVITSCQDQGTILDQDMPVLTHQIMYVPPGGPIPAKVDGYEWQTS
TNPSVFWTEGNAPPRISIPFISVGNAYSSFYDGWSHFTQDGTYGYTTLNAMGKLYIRHVNRSSPHQITSTIRVYFKPKHI
KAWVPRPPRLCPYINKRDVNFVVTEITDSRTSITDTPHPEHSVLATH
;
A
4 'polypeptide(L)'
;SPSAEECGYSDRVRSMTLGNSTITTQESANVVVGYGEWPSYLSDREATAEDQPTQPDVATCRFYTLESVQWEKTSPGWWW
KFPEALKNMGLFGQNMHYHYLGRAGYTIHVQCNASKFHQGCLLVVCVPEAEMGCADTDTTFPATELTTEDTPHVFTSDSI
TGKKVQAAVCNAGMGVGVGNLTIFPHQWINLRTNNSATIVIPYINSVPMDNMFRHYNFTLMIIPFAPLNFTDGATAYVPI
TVTIAPMYAEYNGLRLASTQ
;
B
5 'polypeptide(L)'
;AESHLSLLYHLTAVSSPAPGTPAFWVSGWLGPQQYLSYNSLRGEAEPCGAWVWENQVSWYWEKETTDLRIKEKLFLEAFK
ALGGKGPYTLQGLLGCELGPDNTSVPTAKFALNGEEFMNFDLKQGTWGGDWPEALAISQRWQQQDKAANKELTFLLFSCP
HRLREHLERGRGNLEWKEPPSMRLKARPSSPGFSVLTCSAFSFYPPELQLRFLRNGLAAGTGQGDFGPNSDGSFHASSSL
TVKSGDEHHYCCIVQHAGLAQPLRVEL
;
G
6 'polypeptide(L)'
;IQRTPKIQVYSRHPAENGKSNFLNCYVSGFHPSDIEVDLLKNGERIEKVEHSDLSFSKDWSFYLLYYTEFTPTEKDEYAC
RVNHVTLSQPKIVKWDRDM
;
H
#
# COMPACT_ATOMS: atom_id res chain seq x y z
N GLY A 1 15.09 35.12 -37.44
CA GLY A 1 14.93 33.81 -38.04
C GLY A 1 13.52 33.52 -38.50
N VAL A 2 13.03 32.32 -38.18
CA VAL A 2 11.71 31.86 -38.62
C VAL A 2 10.63 32.74 -38.02
N PRO A 3 9.78 33.37 -38.85
CA PRO A 3 8.68 34.19 -38.32
C PRO A 3 7.60 33.31 -37.72
N VAL A 4 7.34 33.49 -36.42
CA VAL A 4 6.39 32.66 -35.69
C VAL A 4 5.29 33.54 -35.12
N LEU A 5 4.15 32.92 -34.86
CA LEU A 5 3.00 33.58 -34.26
C LEU A 5 2.53 32.74 -33.08
N ASN A 6 2.63 33.30 -31.87
CA ASN A 6 2.22 32.56 -30.69
C ASN A 6 0.70 32.52 -30.60
N THR A 7 0.13 31.33 -30.71
CA THR A 7 -1.32 31.18 -30.66
C THR A 7 -1.78 31.07 -29.22
N PRO A 8 -3.08 31.27 -28.97
CA PRO A 8 -3.60 31.15 -27.59
C PRO A 8 -3.31 29.77 -27.02
N GLY A 9 -3.09 29.76 -25.71
CA GLY A 9 -2.64 28.57 -25.02
C GLY A 9 -1.14 28.46 -24.88
N SER A 10 -0.41 29.56 -25.05
CA SER A 10 1.03 29.55 -24.89
C SER A 10 1.39 29.91 -23.45
N ASN A 11 2.51 29.34 -22.97
CA ASN A 11 3.00 29.59 -21.62
C ASN A 11 1.97 29.20 -20.57
N GLN A 12 1.16 28.20 -20.87
CA GLN A 12 0.16 27.69 -19.95
C GLN A 12 0.57 26.32 -19.47
N PHE A 13 0.13 25.95 -18.28
CA PHE A 13 0.41 24.63 -17.73
C PHE A 13 -0.91 23.88 -17.65
N LEU A 14 -1.24 23.20 -18.75
CA LEU A 14 -2.35 22.25 -18.75
C LEU A 14 -1.85 20.92 -18.23
N THR A 15 -2.41 20.45 -17.12
CA THR A 15 -1.84 19.28 -16.46
C THR A 15 -2.03 17.99 -17.26
N SER A 16 -2.73 18.03 -18.39
CA SER A 16 -2.97 16.85 -19.20
C SER A 16 -2.20 16.86 -20.51
N ASP A 17 -1.32 17.83 -20.72
CA ASP A 17 -0.58 17.88 -21.97
C ASP A 17 0.59 16.92 -21.86
N ASP A 18 0.97 16.34 -23.00
CA ASP A 18 2.17 15.51 -23.07
C ASP A 18 3.09 16.20 -24.08
N TYR A 19 4.08 16.92 -23.55
CA TYR A 19 5.09 17.59 -24.35
C TYR A 19 6.44 17.02 -23.95
N GLN A 20 7.39 17.11 -24.86
CA GLN A 20 8.77 16.81 -24.54
C GLN A 20 9.39 17.99 -23.79
N SER A 21 10.15 17.68 -22.75
CA SER A 21 10.79 18.67 -21.91
C SER A 21 12.22 18.24 -21.67
N PRO A 22 13.15 19.18 -21.48
CA PRO A 22 14.54 18.79 -21.27
C PRO A 22 14.69 17.94 -20.03
N SER A 23 15.47 16.86 -20.15
CA SER A 23 15.76 16.03 -18.99
C SER A 23 16.74 16.72 -18.07
N ALA A 24 16.55 16.52 -16.75
CA ALA A 24 17.45 17.14 -15.77
C ALA A 24 18.77 16.41 -15.69
N MET A 25 18.79 15.11 -15.97
CA MET A 25 20.00 14.31 -15.88
C MET A 25 20.26 13.72 -17.26
N PRO A 26 20.94 14.44 -18.14
CA PRO A 26 21.22 13.93 -19.48
C PRO A 26 22.13 12.71 -19.44
N GLN A 27 21.85 11.75 -20.32
CA GLN A 27 22.66 10.54 -20.47
C GLN A 27 22.67 9.71 -19.18
N PHE A 28 21.61 9.78 -18.40
CA PHE A 28 21.50 8.97 -17.20
C PHE A 28 21.25 7.52 -17.61
N ASP A 29 22.10 6.61 -17.15
CA ASP A 29 21.97 5.19 -17.43
C ASP A 29 21.10 4.56 -16.36
N GLU A 30 19.80 4.41 -16.64
CA GLU A 30 18.92 3.91 -15.60
C GLU A 30 19.17 2.44 -15.33
N THR A 31 18.53 1.92 -14.28
CA THR A 31 18.70 0.53 -13.90
C THR A 31 18.12 -0.37 -14.98
N PRO A 32 18.82 -1.46 -15.33
CA PRO A 32 18.29 -2.37 -16.36
C PRO A 32 16.91 -2.90 -15.99
N GLU A 33 16.10 -3.10 -17.02
CA GLU A 33 14.76 -3.65 -16.83
C GLU A 33 14.86 -5.07 -16.31
N MET A 34 14.12 -5.35 -15.24
CA MET A 34 13.98 -6.69 -14.71
C MET A 34 12.54 -7.14 -14.93
N HIS A 35 12.35 -8.45 -15.07
CA HIS A 35 11.01 -9.00 -15.21
C HIS A 35 10.43 -9.25 -13.83
N ILE A 36 9.39 -8.50 -13.49
CA ILE A 36 8.66 -8.67 -12.24
C ILE A 36 7.32 -9.32 -12.56
N PRO A 37 6.92 -10.37 -11.85
CA PRO A 37 5.63 -10.99 -12.15
C PRO A 37 4.47 -10.08 -11.82
N GLY A 38 3.47 -10.08 -12.69
CA GLY A 38 2.24 -9.39 -12.39
C GLY A 38 2.17 -7.96 -12.91
N GLU A 39 2.66 -7.74 -14.12
CA GLU A 39 2.61 -6.40 -14.70
C GLU A 39 1.19 -6.06 -15.10
N VAL A 40 0.67 -4.97 -14.57
CA VAL A 40 -0.66 -4.47 -14.90
C VAL A 40 -0.51 -3.31 -15.87
N ARG A 41 -1.23 -3.38 -16.99
CA ARG A 41 -1.17 -2.34 -18.01
C ARG A 41 -2.44 -1.54 -18.14
N ASN A 42 -3.55 -2.05 -17.61
CA ASN A 42 -4.84 -1.39 -17.70
C ASN A 42 -5.55 -1.49 -16.36
N LEU A 43 -6.29 -0.45 -16.01
CA LEU A 43 -7.08 -0.50 -14.78
C LEU A 43 -8.22 -1.48 -14.90
N MET A 44 -8.72 -1.70 -16.12
CA MET A 44 -9.77 -2.68 -16.32
C MET A 44 -9.30 -4.10 -16.05
N GLU A 45 -7.99 -4.34 -16.08
CA GLU A 45 -7.46 -5.62 -15.62
C GLU A 45 -7.69 -5.80 -14.12
N ILE A 46 -7.66 -4.71 -13.35
CA ILE A 46 -7.94 -4.79 -11.93
C ILE A 46 -9.44 -4.86 -11.67
N ALA A 47 -10.21 -4.11 -12.46
CA ALA A 47 -11.66 -4.11 -12.31
C ALA A 47 -12.30 -5.43 -12.75
N GLU A 48 -11.56 -6.26 -13.48
CA GLU A 48 -12.09 -7.54 -13.94
C GLU A 48 -11.91 -8.65 -12.92
N VAL A 49 -11.21 -8.39 -11.84
CA VAL A 49 -11.00 -9.39 -10.79
C VAL A 49 -12.15 -9.33 -9.82
N ASP A 50 -12.60 -10.50 -9.37
CA ASP A 50 -13.63 -10.56 -8.36
C ASP A 50 -13.15 -9.90 -7.08
N SER A 51 -14.08 -9.29 -6.36
CA SER A 51 -13.81 -8.75 -5.04
C SER A 51 -15.06 -8.91 -4.21
N VAL A 52 -14.89 -9.28 -2.94
CA VAL A 52 -16.06 -9.59 -2.12
C VAL A 52 -16.88 -8.32 -1.96
N VAL A 53 -18.18 -8.44 -2.16
CA VAL A 53 -19.10 -7.30 -2.17
C VAL A 53 -19.76 -7.22 -0.81
N PRO A 54 -19.61 -6.12 -0.08
CA PRO A 54 -20.28 -6.00 1.22
C PRO A 54 -21.78 -5.76 1.08
N VAL A 55 -22.53 -6.82 0.75
CA VAL A 55 -23.97 -6.66 0.60
C VAL A 55 -24.62 -6.36 1.95
N ASN A 56 -24.10 -6.95 3.01
CA ASN A 56 -24.67 -6.74 4.35
C ASN A 56 -24.01 -5.57 5.05
N ASN A 57 -23.93 -4.43 4.35
CA ASN A 57 -23.33 -3.23 4.90
C ASN A 57 -24.35 -2.42 5.69
N VAL A 58 -25.04 -3.07 6.61
CA VAL A 58 -26.05 -2.40 7.43
C VAL A 58 -25.32 -1.60 8.50
N THR A 59 -26.05 -0.75 9.23
CA THR A 59 -25.40 0.12 10.21
C THR A 59 -24.79 -0.72 11.33
N GLY A 60 -23.55 -0.38 11.71
CA GLY A 60 -22.84 -1.07 12.76
C GLY A 60 -22.07 -2.30 12.32
N LYS A 61 -22.23 -2.73 11.07
CA LYS A 61 -21.57 -3.92 10.56
C LYS A 61 -20.51 -3.62 9.51
N THR A 62 -20.28 -2.35 9.18
CA THR A 62 -19.33 -2.03 8.12
C THR A 62 -17.88 -2.00 8.60
N LYS A 63 -17.64 -2.26 9.88
CA LYS A 63 -16.31 -2.47 10.40
C LYS A 63 -16.06 -3.91 10.81
N SER A 64 -16.93 -4.82 10.40
CA SER A 64 -16.81 -6.24 10.71
C SER A 64 -16.76 -7.02 9.40
N MET A 65 -16.58 -8.33 9.53
CA MET A 65 -16.74 -9.19 8.37
C MET A 65 -18.20 -9.52 8.08
N ASP A 66 -19.10 -9.18 8.99
CA ASP A 66 -20.53 -9.36 8.74
C ASP A 66 -21.00 -8.54 7.54
N ALA A 67 -20.27 -7.48 7.19
CA ALA A 67 -20.62 -6.70 6.02
C ALA A 67 -20.68 -7.56 4.77
N TYR A 68 -19.88 -8.62 4.72
CA TYR A 68 -19.72 -9.39 3.51
C TYR A 68 -20.63 -10.61 3.43
N GLN A 69 -21.04 -11.17 4.56
CA GLN A 69 -21.75 -12.44 4.57
C GLN A 69 -23.25 -12.19 4.44
N ILE A 70 -23.84 -12.70 3.37
CA ILE A 70 -25.29 -12.63 3.16
C ILE A 70 -25.93 -13.81 3.89
N PRO A 71 -26.75 -13.58 4.91
CA PRO A 71 -27.30 -14.70 5.68
C PRO A 71 -28.49 -15.33 4.96
N VAL A 72 -28.41 -16.64 4.77
CA VAL A 72 -29.52 -17.44 4.27
C VAL A 72 -29.76 -18.56 5.28
N GLY A 73 -31.01 -18.99 5.40
CA GLY A 73 -31.36 -19.88 6.47
C GLY A 73 -32.50 -20.81 6.13
N THR A 74 -32.60 -21.87 6.94
CA THR A 74 -33.67 -22.85 6.83
C THR A 74 -34.78 -22.43 7.78
N GLY A 75 -35.88 -21.93 7.23
CA GLY A 75 -36.98 -21.46 8.06
C GLY A 75 -38.18 -21.09 7.22
N ASN A 76 -39.37 -21.45 7.66
CA ASN A 76 -40.58 -21.25 6.85
C ASN A 76 -41.09 -19.80 6.86
N THR A 77 -40.44 -18.87 7.56
CA THR A 77 -40.98 -17.52 7.68
C THR A 77 -40.07 -16.50 6.97
N ASP A 78 -40.70 -15.47 6.40
CA ASP A 78 -40.06 -14.45 5.58
C ASP A 78 -39.38 -15.07 4.36
N LYS A 79 -39.90 -16.21 3.89
CA LYS A 79 -39.41 -16.81 2.65
C LYS A 79 -39.89 -16.03 1.43
N THR A 80 -40.91 -15.19 1.61
CA THR A 80 -41.42 -14.32 0.56
C THR A 80 -40.69 -12.98 0.49
N LYS A 81 -39.90 -12.67 1.50
CA LYS A 81 -39.11 -11.44 1.53
C LYS A 81 -37.80 -11.62 0.77
N PRO A 82 -37.24 -10.53 0.21
CA PRO A 82 -35.98 -10.67 -0.52
C PRO A 82 -34.83 -10.97 0.40
N ILE A 83 -33.93 -11.84 -0.07
CA ILE A 83 -32.74 -12.17 0.71
C ILE A 83 -31.85 -10.93 0.84
N PHE A 84 -31.61 -10.25 -0.27
CA PHE A 84 -30.98 -8.94 -0.28
C PHE A 84 -31.49 -8.19 -1.49
N SER A 85 -31.23 -6.88 -1.51
CA SER A 85 -31.58 -6.08 -2.67
C SER A 85 -30.76 -4.79 -2.62
N PHE A 86 -30.16 -4.42 -3.74
CA PHE A 86 -29.44 -3.17 -3.84
C PHE A 86 -29.54 -2.65 -5.26
N GLN A 87 -29.01 -1.45 -5.48
CA GLN A 87 -28.99 -0.86 -6.80
C GLN A 87 -27.81 -1.40 -7.59
N MET A 88 -28.08 -1.91 -8.79
CA MET A 88 -26.98 -2.26 -9.69
C MET A 88 -26.40 -0.96 -10.22
N ASP A 89 -25.43 -0.41 -9.51
CA ASP A 89 -24.83 0.86 -9.87
C ASP A 89 -23.42 0.90 -9.30
N PRO A 90 -22.44 0.34 -10.01
CA PRO A 90 -21.14 0.07 -9.39
C PRO A 90 -20.38 1.32 -8.98
N GLY A 91 -20.84 2.50 -9.39
CA GLY A 91 -20.10 3.71 -9.08
C GLY A 91 -20.46 4.30 -7.74
N TYR A 92 -21.76 4.35 -7.42
CA TYR A 92 -22.22 5.03 -6.22
C TYR A 92 -23.01 4.15 -5.26
N SER A 93 -23.40 2.95 -5.65
CA SER A 93 -24.08 2.07 -4.71
C SER A 93 -23.13 1.72 -3.59
N SER A 94 -23.55 1.99 -2.34
CA SER A 94 -22.67 1.73 -1.20
C SER A 94 -22.29 0.26 -1.13
N VAL A 95 -23.14 -0.61 -1.68
CA VAL A 95 -22.84 -2.03 -1.69
C VAL A 95 -21.65 -2.30 -2.62
N LEU A 96 -21.60 -1.65 -3.78
CA LEU A 96 -20.65 -2.00 -4.83
C LEU A 96 -19.49 -1.03 -4.99
N LYS A 97 -19.63 0.22 -4.54
CA LYS A 97 -18.69 1.27 -4.95
C LYS A 97 -17.29 1.09 -4.37
N ARG A 98 -17.13 0.30 -3.31
CA ARG A 98 -15.83 0.15 -2.66
C ARG A 98 -15.12 -1.14 -3.05
N THR A 99 -15.71 -1.93 -3.95
CA THR A 99 -15.02 -3.09 -4.51
C THR A 99 -13.97 -2.62 -5.52
N LEU A 100 -13.12 -3.56 -5.96
CA LEU A 100 -12.14 -3.23 -6.99
C LEU A 100 -12.81 -2.65 -8.22
N LEU A 101 -13.98 -3.19 -8.59
CA LEU A 101 -14.74 -2.64 -9.72
C LEU A 101 -15.15 -1.20 -9.44
N GLY A 102 -15.80 -0.97 -8.29
CA GLY A 102 -16.22 0.38 -7.96
C GLY A 102 -15.05 1.33 -7.70
N GLU A 103 -13.95 0.81 -7.13
CA GLU A 103 -12.79 1.66 -6.87
C GLU A 103 -12.14 2.13 -8.17
N MET A 104 -11.99 1.21 -9.14
CA MET A 104 -11.45 1.60 -10.43
C MET A 104 -12.40 2.59 -11.13
N LEU A 105 -13.71 2.37 -10.99
CA LEU A 105 -14.71 3.18 -11.68
C LEU A 105 -14.66 4.63 -11.23
N ASN A 106 -14.53 4.86 -9.92
CA ASN A 106 -14.66 6.21 -9.35
C ASN A 106 -13.63 7.15 -9.94
N TYR A 107 -12.46 6.65 -10.29
CA TYR A 107 -11.47 7.48 -10.95
C TYR A 107 -11.98 7.94 -12.32
N TYR A 108 -13.23 7.62 -12.63
CA TYR A 108 -13.81 7.94 -13.92
C TYR A 108 -15.22 8.46 -13.74
N ALA A 109 -15.71 9.16 -14.77
CA ALA A 109 -17.05 9.73 -14.74
C ALA A 109 -18.06 8.92 -15.57
N HIS A 110 -17.59 8.14 -16.54
CA HIS A 110 -18.46 7.31 -17.36
C HIS A 110 -18.03 5.86 -17.26
N TRP A 111 -19.00 4.96 -17.38
CA TRP A 111 -18.72 3.53 -17.43
C TRP A 111 -19.68 2.87 -18.40
N SER A 112 -19.31 1.66 -18.81
CA SER A 112 -20.10 0.90 -19.77
C SER A 112 -19.59 -0.53 -19.76
N GLY A 113 -20.52 -1.47 -19.85
CA GLY A 113 -20.16 -2.88 -19.88
C GLY A 113 -21.01 -3.68 -18.92
N SER A 114 -20.79 -4.99 -18.96
CA SER A 114 -21.57 -5.91 -18.16
C SER A 114 -20.82 -6.24 -16.87
N VAL A 115 -21.60 -6.41 -15.81
CA VAL A 115 -21.07 -6.71 -14.48
C VAL A 115 -21.52 -8.10 -14.10
N LYS A 116 -20.59 -8.96 -13.72
CA LYS A 116 -20.92 -10.31 -13.30
C LYS A 116 -20.85 -10.39 -11.78
N LEU A 117 -21.97 -10.71 -11.15
CA LEU A 117 -22.06 -10.91 -9.72
C LEU A 117 -21.99 -12.41 -9.45
N THR A 118 -20.91 -12.85 -8.83
CA THR A 118 -20.73 -14.24 -8.49
C THR A 118 -21.08 -14.45 -7.03
N PHE A 119 -21.88 -15.48 -6.74
CA PHE A 119 -22.36 -15.76 -5.40
C PHE A 119 -21.83 -17.11 -4.96
N LEU A 120 -21.09 -17.11 -3.86
CA LEU A 120 -20.46 -18.30 -3.30
C LEU A 120 -21.24 -18.73 -2.07
N PHE A 121 -21.72 -19.98 -2.06
CA PHE A 121 -22.45 -20.51 -0.92
C PHE A 121 -21.47 -21.08 0.09
N CYS A 122 -21.44 -20.51 1.29
CA CYS A 122 -20.49 -20.90 2.32
C CYS A 122 -21.18 -21.64 3.46
N GLY A 123 -22.14 -22.49 3.14
CA GLY A 123 -22.79 -23.34 4.12
C GLY A 123 -22.17 -24.73 4.15
N SER A 124 -22.90 -25.66 4.77
CA SER A 124 -22.44 -27.03 4.87
C SER A 124 -22.43 -27.70 3.51
N ALA A 125 -21.64 -28.78 3.39
CA ALA A 125 -21.73 -29.61 2.21
C ALA A 125 -23.03 -30.39 2.16
N MET A 126 -23.76 -30.42 3.28
CA MET A 126 -25.03 -31.11 3.40
C MET A 126 -26.21 -30.18 3.18
N ALA A 127 -25.96 -28.87 3.07
CA ALA A 127 -27.02 -27.91 2.83
C ALA A 127 -27.32 -27.82 1.34
N THR A 128 -28.60 -27.92 0.99
CA THR A 128 -29.04 -27.78 -0.39
C THR A 128 -29.92 -26.54 -0.49
N GLY A 129 -29.92 -25.92 -1.67
CA GLY A 129 -30.67 -24.70 -1.83
C GLY A 129 -30.92 -24.35 -3.27
N LYS A 130 -31.91 -23.48 -3.47
CA LYS A 130 -32.17 -22.85 -4.76
C LYS A 130 -32.53 -21.40 -4.51
N LEU A 131 -31.82 -20.50 -5.17
CA LEU A 131 -32.05 -19.08 -5.03
C LEU A 131 -32.25 -18.46 -6.40
N LEU A 132 -33.12 -17.46 -6.46
CA LEU A 132 -33.38 -16.70 -7.68
C LEU A 132 -32.71 -15.33 -7.53
N ILE A 133 -31.66 -15.09 -8.31
CA ILE A 133 -30.96 -13.82 -8.30
C ILE A 133 -31.38 -13.06 -9.55
N SER A 134 -31.95 -11.87 -9.36
CA SER A 134 -32.61 -11.15 -10.44
C SER A 134 -31.96 -9.79 -10.67
N TYR A 135 -32.08 -9.31 -11.91
CA TYR A 135 -31.68 -7.96 -12.29
C TYR A 135 -32.83 -7.30 -13.01
N SER A 136 -33.28 -6.14 -12.51
CA SER A 136 -34.41 -5.45 -13.12
C SER A 136 -33.96 -4.11 -13.68
N PRO A 137 -34.01 -3.91 -14.99
CA PRO A 137 -33.68 -2.60 -15.55
C PRO A 137 -34.54 -1.53 -14.97
N PRO A 138 -34.09 -0.26 -14.99
CA PRO A 138 -34.64 0.76 -14.08
C PRO A 138 -36.02 1.30 -14.43
N GLY A 139 -36.69 0.83 -15.47
CA GLY A 139 -38.00 1.36 -15.83
C GLY A 139 -39.00 1.46 -14.69
N ALA A 140 -39.42 0.32 -14.14
CA ALA A 140 -40.35 0.30 -13.02
C ALA A 140 -39.56 0.41 -11.71
N SER A 141 -40.21 0.14 -10.59
CA SER A 141 -39.57 0.29 -9.28
C SER A 141 -38.79 -0.98 -8.96
N VAL A 142 -38.37 -1.11 -7.69
CA VAL A 142 -37.69 -2.33 -7.25
C VAL A 142 -38.71 -3.46 -7.14
N PRO A 143 -38.38 -4.67 -7.56
CA PRO A 143 -39.26 -5.81 -7.31
C PRO A 143 -39.48 -6.01 -5.81
N THR A 144 -40.73 -6.21 -5.42
CA THR A 144 -41.06 -6.50 -4.03
C THR A 144 -41.58 -7.90 -3.81
N SER A 145 -41.71 -8.70 -4.87
CA SER A 145 -42.02 -10.11 -4.75
C SER A 145 -41.13 -10.89 -5.70
N ARG A 146 -41.03 -12.19 -5.46
CA ARG A 146 -40.28 -13.03 -6.39
C ARG A 146 -40.94 -13.07 -7.76
N LYS A 147 -42.25 -12.83 -7.83
CA LYS A 147 -42.92 -12.79 -9.12
C LYS A 147 -42.49 -11.57 -9.92
N ASP A 148 -42.34 -10.42 -9.26
CA ASP A 148 -41.87 -9.24 -9.98
C ASP A 148 -40.40 -9.35 -10.35
N ALA A 149 -39.63 -10.14 -9.61
CA ALA A 149 -38.21 -10.26 -9.89
C ALA A 149 -37.91 -11.31 -10.93
N MET A 150 -38.70 -12.39 -10.98
CA MET A 150 -38.51 -13.39 -12.02
C MET A 150 -38.85 -12.86 -13.39
N LEU A 151 -39.48 -11.70 -13.49
CA LEU A 151 -39.78 -11.11 -14.79
C LEU A 151 -38.55 -10.46 -15.43
N GLY A 152 -37.52 -10.19 -14.64
CA GLY A 152 -36.32 -9.57 -15.14
C GLY A 152 -35.23 -10.58 -15.48
N THR A 153 -34.05 -10.05 -15.74
CA THR A 153 -32.89 -10.89 -16.05
C THR A 153 -32.47 -11.60 -14.77
N HIS A 154 -32.84 -12.87 -14.64
CA HIS A 154 -32.57 -13.60 -13.41
C HIS A 154 -31.90 -14.93 -13.73
N ILE A 155 -31.48 -15.61 -12.67
CA ILE A 155 -30.95 -16.96 -12.77
C ILE A 155 -31.32 -17.71 -11.50
N VAL A 156 -31.73 -18.97 -11.66
CA VAL A 156 -32.01 -19.81 -10.52
C VAL A 156 -30.74 -20.56 -10.17
N TRP A 157 -30.18 -20.25 -9.01
CA TRP A 157 -28.93 -20.83 -8.55
C TRP A 157 -29.24 -22.11 -7.78
N ASP A 158 -28.91 -23.25 -8.39
CA ASP A 158 -29.05 -24.54 -7.72
C ASP A 158 -27.78 -24.80 -6.93
N ILE A 159 -27.87 -24.64 -5.61
CA ILE A 159 -26.69 -24.82 -4.76
C ILE A 159 -26.34 -26.30 -4.71
N GLY A 160 -25.12 -26.63 -5.15
CA GLY A 160 -24.65 -28.00 -5.19
C GLY A 160 -23.16 -28.05 -5.06
N LEU A 161 -22.52 -28.91 -5.85
CA LEU A 161 -21.09 -29.13 -5.71
C LEU A 161 -20.26 -28.02 -6.33
N GLN A 162 -20.85 -27.17 -7.16
CA GLN A 162 -20.07 -26.13 -7.82
C GLN A 162 -19.81 -24.95 -6.90
N SER A 163 -20.77 -24.65 -6.01
CA SER A 163 -20.61 -23.74 -4.87
C SER A 163 -20.75 -22.28 -5.26
N SER A 164 -20.68 -21.96 -6.54
CA SER A 164 -20.73 -20.58 -6.99
C SER A 164 -21.62 -20.47 -8.21
N CYS A 165 -22.31 -19.33 -8.31
CA CYS A 165 -23.15 -19.03 -9.45
C CYS A 165 -22.85 -17.62 -9.92
N VAL A 166 -22.98 -17.40 -11.23
CA VAL A 166 -22.73 -16.11 -11.84
C VAL A 166 -24.05 -15.54 -12.32
N LEU A 167 -24.43 -14.39 -11.76
CA LEU A 167 -25.46 -13.56 -12.36
C LEU A 167 -24.75 -12.49 -13.19
N CYS A 168 -24.93 -12.54 -14.50
CA CYS A 168 -24.34 -11.54 -15.38
C CYS A 168 -25.35 -10.42 -15.60
N VAL A 169 -25.03 -9.24 -15.11
CA VAL A 169 -25.83 -8.04 -15.38
C VAL A 169 -25.50 -7.59 -16.79
N PRO A 170 -26.39 -7.76 -17.75
CA PRO A 170 -25.98 -7.78 -19.16
C PRO A 170 -25.92 -6.44 -19.89
N TRP A 171 -25.85 -5.33 -19.16
CA TRP A 171 -25.73 -4.00 -19.78
C TRP A 171 -26.90 -3.73 -20.73
N ILE A 172 -28.06 -3.53 -20.13
CA ILE A 172 -29.20 -2.97 -20.84
C ILE A 172 -29.26 -1.49 -20.49
N SER A 173 -28.81 -0.64 -21.41
CA SER A 173 -28.83 0.79 -21.20
C SER A 173 -29.23 1.49 -22.48
N GLN A 174 -29.82 2.69 -22.33
CA GLN A 174 -30.24 3.45 -23.50
C GLN A 174 -29.07 4.18 -24.15
N SER A 175 -28.07 4.57 -23.36
CA SER A 175 -26.90 5.24 -23.87
C SER A 175 -25.72 4.29 -23.87
N HIS A 176 -24.69 4.63 -24.65
CA HIS A 176 -23.51 3.78 -24.71
C HIS A 176 -22.77 3.76 -23.39
N TYR A 177 -22.85 4.84 -22.62
CA TYR A 177 -22.19 4.92 -21.34
C TYR A 177 -23.19 5.37 -20.27
N ARG A 178 -22.85 5.08 -19.03
CA ARG A 178 -23.59 5.57 -17.88
C ARG A 178 -22.68 6.45 -17.03
N MET A 179 -23.29 7.26 -16.18
CA MET A 179 -22.51 8.06 -15.25
C MET A 179 -22.08 7.21 -14.07
N VAL A 180 -20.88 7.45 -13.57
CA VAL A 180 -20.43 6.74 -12.38
C VAL A 180 -21.11 7.28 -11.14
N GLN A 181 -21.23 8.61 -11.03
CA GLN A 181 -22.07 9.19 -10.01
C GLN A 181 -23.53 8.87 -10.30
N GLN A 182 -24.40 9.22 -9.37
CA GLN A 182 -25.82 8.93 -9.53
C GLN A 182 -26.50 10.10 -10.24
N ASP A 183 -27.32 9.76 -11.23
CA ASP A 183 -28.27 10.68 -11.84
C ASP A 183 -29.37 9.82 -12.42
N PRO A 184 -30.62 10.29 -12.41
CA PRO A 184 -31.73 9.43 -12.85
C PRO A 184 -31.64 9.04 -14.31
N TYR A 185 -30.89 9.78 -15.12
CA TYR A 185 -30.86 9.50 -16.54
C TYR A 185 -30.16 8.18 -16.82
N THR A 186 -29.09 7.90 -16.09
CA THR A 186 -28.28 6.70 -16.31
C THR A 186 -28.40 5.70 -15.16
N SER A 187 -29.59 5.57 -14.59
CA SER A 187 -29.80 4.53 -13.59
C SER A 187 -29.70 3.17 -14.27
N ALA A 188 -29.15 2.20 -13.55
CA ALA A 188 -28.87 0.91 -14.15
C ALA A 188 -29.75 -0.21 -13.65
N GLY A 189 -30.53 0.01 -12.59
CA GLY A 189 -31.48 -0.97 -12.14
C GLY A 189 -31.17 -1.53 -10.77
N TYR A 190 -31.76 -2.70 -10.49
CA TYR A 190 -31.74 -3.28 -9.15
C TYR A 190 -31.36 -4.76 -9.20
N ILE A 191 -30.64 -5.19 -8.18
CA ILE A 191 -30.30 -6.59 -7.98
C ILE A 191 -31.06 -7.07 -6.75
N THR A 192 -31.83 -8.13 -6.89
CA THR A 192 -32.61 -8.71 -5.80
C THR A 192 -32.36 -10.21 -5.77
N CYS A 193 -32.47 -10.78 -4.57
CA CYS A 193 -32.32 -12.22 -4.38
C CYS A 193 -33.51 -12.75 -3.62
N TRP A 194 -33.96 -13.94 -4.01
CA TRP A 194 -35.14 -14.56 -3.43
C TRP A 194 -34.90 -16.04 -3.24
N TYR A 195 -35.58 -16.61 -2.26
CA TYR A 195 -35.59 -18.06 -2.10
C TYR A 195 -36.37 -18.68 -3.25
N GLN A 196 -35.69 -19.42 -4.11
CA GLN A 196 -36.42 -20.18 -5.12
C GLN A 196 -37.20 -21.30 -4.47
N THR A 197 -36.51 -22.16 -3.71
CA THR A 197 -37.19 -23.09 -2.83
C THR A 197 -36.84 -22.82 -1.37
N ASN A 198 -35.63 -23.16 -0.93
CA ASN A 198 -35.27 -23.07 0.48
C ASN A 198 -33.85 -23.59 0.62
N ILE A 199 -33.27 -23.33 1.78
CA ILE A 199 -32.07 -24.02 2.23
C ILE A 199 -32.55 -25.17 3.11
N VAL A 200 -32.14 -26.39 2.78
CA VAL A 200 -32.57 -27.59 3.50
C VAL A 200 -31.34 -28.28 4.05
N VAL A 201 -31.38 -28.61 5.34
CA VAL A 201 -30.21 -29.17 6.02
C VAL A 201 -30.56 -30.44 6.78
N PRO A 202 -29.59 -31.33 6.99
CA PRO A 202 -29.84 -32.54 7.79
C PRO A 202 -30.00 -32.19 9.27
N PRO A 203 -30.35 -33.18 10.10
CA PRO A 203 -30.59 -32.88 11.52
C PRO A 203 -29.38 -32.36 12.29
N GLY A 204 -28.17 -32.49 11.76
CA GLY A 204 -27.01 -32.10 12.54
C GLY A 204 -26.23 -30.93 11.96
N ALA A 205 -26.71 -30.39 10.86
CA ALA A 205 -25.96 -29.31 10.24
C ALA A 205 -26.47 -27.96 10.74
N PRO A 206 -25.62 -26.94 10.73
CA PRO A 206 -26.08 -25.60 11.11
C PRO A 206 -27.17 -25.11 10.16
N THR A 207 -28.23 -24.57 10.75
CA THR A 207 -29.43 -24.18 10.01
C THR A 207 -29.30 -22.85 9.31
N SER A 208 -28.22 -22.10 9.51
CA SER A 208 -28.03 -20.84 8.82
C SER A 208 -26.66 -20.80 8.18
N CYS A 209 -26.63 -20.39 6.92
CA CYS A 209 -25.44 -20.36 6.10
C CYS A 209 -25.15 -18.92 5.71
N ASP A 210 -23.98 -18.73 5.10
CA ASP A 210 -23.59 -17.42 4.59
C ASP A 210 -23.34 -17.53 3.09
N VAL A 211 -23.65 -16.46 2.39
CA VAL A 211 -23.34 -16.34 0.97
C VAL A 211 -22.42 -15.14 0.80
N LEU A 212 -21.40 -15.31 -0.03
CA LEU A 212 -20.48 -14.23 -0.36
C LEU A 212 -20.73 -13.82 -1.81
N CYS A 213 -20.85 -12.52 -2.04
CA CYS A 213 -21.02 -12.00 -3.39
C CYS A 213 -19.71 -11.40 -3.90
N PHE A 214 -19.42 -11.61 -5.18
CA PHE A 214 -18.22 -11.10 -5.81
C PHE A 214 -18.62 -10.29 -7.04
N ALA A 215 -18.04 -9.11 -7.21
CA ALA A 215 -18.30 -8.27 -8.36
C ALA A 215 -17.05 -8.15 -9.22
N SER A 216 -17.25 -8.20 -10.53
CA SER A 216 -16.16 -8.02 -11.47
C SER A 216 -16.73 -7.55 -12.80
N ALA A 217 -15.86 -6.97 -13.61
CA ALA A 217 -16.24 -6.50 -14.92
C ALA A 217 -16.11 -7.62 -15.94
N CYS A 218 -16.84 -7.50 -17.04
CA CYS A 218 -16.79 -8.47 -18.12
C CYS A 218 -15.86 -7.98 -19.23
N ASN A 219 -15.88 -8.67 -20.37
CA ASN A 219 -14.96 -8.37 -21.46
C ASN A 219 -15.24 -7.03 -22.13
N ASP A 220 -16.50 -6.60 -22.10
CA ASP A 220 -16.93 -5.40 -22.79
C ASP A 220 -16.89 -4.17 -21.90
N PHE A 221 -16.40 -4.31 -20.68
CA PHE A 221 -16.44 -3.22 -19.72
C PHE A 221 -15.32 -2.22 -19.99
N SER A 222 -15.65 -0.94 -19.87
CA SER A 222 -14.66 0.11 -20.02
C SER A 222 -15.14 1.37 -19.30
N VAL A 223 -14.19 2.24 -19.00
CA VAL A 223 -14.46 3.52 -18.34
C VAL A 223 -13.85 4.64 -19.15
N ARG A 224 -14.47 5.81 -19.09
CA ARG A 224 -14.15 6.84 -20.06
C ARG A 224 -13.50 8.10 -19.49
N LEU A 225 -14.29 9.01 -18.93
CA LEU A 225 -13.74 10.28 -18.44
C LEU A 225 -12.86 10.04 -17.23
N LEU A 226 -11.75 10.75 -17.11
CA LEU A 226 -10.86 10.57 -15.97
C LEU A 226 -11.11 11.68 -14.94
N ARG A 227 -11.50 11.29 -13.74
CA ARG A 227 -11.82 12.25 -12.68
C ARG A 227 -11.23 11.79 -11.36
N ASP A 228 -11.05 12.75 -10.45
CA ASP A 228 -10.49 12.43 -9.15
C ASP A 228 -11.51 11.67 -8.32
N THR A 229 -11.05 10.65 -7.61
CA THR A 229 -11.98 9.84 -6.83
C THR A 229 -12.50 10.65 -5.64
N PRO A 230 -13.79 10.54 -5.33
CA PRO A 230 -14.31 11.19 -4.13
C PRO A 230 -14.02 10.43 -2.85
N PHE A 231 -13.29 9.31 -2.95
CA PHE A 231 -13.06 8.44 -1.81
C PHE A 231 -11.88 8.91 -0.97
N MET A 232 -10.87 9.51 -1.59
CA MET A 232 -9.73 10.03 -0.86
C MET A 232 -9.90 11.52 -0.63
N ALA A 233 -9.82 11.93 0.62
CA ALA A 233 -9.81 13.33 0.99
C ALA A 233 -8.63 13.60 1.92
N GLN A 234 -8.01 14.77 1.76
CA GLN A 234 -6.89 15.18 2.61
C GLN A 234 -7.30 16.44 3.34
N PRO A 235 -7.82 16.32 4.56
CA PRO A 235 -8.26 17.52 5.30
C PRO A 235 -7.13 18.50 5.58
N GLY A 236 -5.89 18.04 5.66
CA GLY A 236 -4.80 18.95 5.91
C GLY A 236 -3.46 18.29 5.61
N LYS A 237 -2.39 18.97 5.98
CA LYS A 237 -1.04 18.48 5.75
C LYS A 237 -0.81 17.19 6.50
N LEU A 238 -0.10 16.26 5.88
CA LEU A 238 0.16 14.96 6.46
C LEU A 238 1.26 15.08 7.52
N GLN A 239 1.77 13.94 7.99
CA GLN A 239 2.81 13.95 9.01
C GLN A 239 3.91 12.93 8.70
N ASN B 29 5.80 12.16 -33.27
CA ASN B 29 6.74 11.04 -33.41
C ASN B 29 8.15 11.55 -33.67
N ILE B 30 8.42 12.80 -33.30
CA ILE B 30 9.72 13.42 -33.46
C ILE B 30 10.23 13.80 -32.08
N ASN B 31 11.50 13.50 -31.81
CA ASN B 31 12.12 13.75 -30.52
C ASN B 31 13.17 14.83 -30.66
N PHE B 32 12.99 15.94 -29.96
CA PHE B 32 13.90 17.06 -30.05
C PHE B 32 14.97 17.03 -28.96
N TYR B 33 14.98 15.99 -28.14
CA TYR B 33 15.96 15.84 -27.07
C TYR B 33 16.61 14.47 -27.19
N LYS B 34 17.84 14.38 -26.70
CA LYS B 34 18.63 13.17 -26.89
C LYS B 34 18.28 12.08 -25.89
N ASP B 35 17.69 12.43 -24.76
CA ASP B 35 17.40 11.46 -23.72
C ASP B 35 16.01 10.87 -23.90
N ALA B 36 15.88 9.59 -23.56
CA ALA B 36 14.60 8.91 -23.71
C ALA B 36 13.62 9.29 -22.62
N ALA B 37 14.13 9.76 -21.47
CA ALA B 37 13.25 10.26 -20.41
C ALA B 37 12.56 11.54 -20.80
N SER B 38 13.09 12.24 -21.80
CA SER B 38 12.55 13.54 -22.18
C SER B 38 11.66 13.42 -23.40
N SER B 39 10.67 12.55 -23.30
CA SER B 39 9.69 12.32 -24.34
C SER B 39 8.30 12.55 -23.77
N ALA B 40 7.29 12.41 -24.62
CA ALA B 40 5.92 12.46 -24.13
C ALA B 40 5.52 11.06 -23.68
N SER B 41 4.32 10.97 -23.10
CA SER B 41 3.89 9.67 -22.61
C SER B 41 3.43 8.78 -23.76
N ASN B 42 3.42 7.47 -23.51
CA ASN B 42 3.04 6.48 -24.52
C ASN B 42 1.52 6.30 -24.48
N ARG B 43 0.81 7.33 -24.94
CA ARG B 43 -0.64 7.34 -24.75
C ARG B 43 -1.36 6.40 -25.70
N GLN B 44 -0.79 6.15 -26.89
CA GLN B 44 -1.43 5.30 -27.88
C GLN B 44 -1.33 3.80 -27.51
N ASP B 45 -0.36 3.40 -26.67
CA ASP B 45 -0.14 2.01 -26.27
C ASP B 45 -1.32 1.45 -25.46
N ILE B 46 -2.10 0.54 -26.04
CA ILE B 46 -3.20 -0.09 -25.33
C ILE B 46 -3.01 -1.60 -25.44
N GLN B 47 -2.54 -2.21 -24.36
CA GLN B 47 -2.31 -3.63 -24.33
C GLN B 47 -2.69 -4.15 -22.97
N GLN B 48 -3.11 -5.40 -22.89
CA GLN B 48 -3.45 -5.96 -21.59
C GLN B 48 -3.46 -7.48 -21.62
N ASP B 49 -3.18 -8.06 -20.45
CA ASP B 49 -3.22 -9.51 -20.22
C ASP B 49 -3.92 -9.73 -18.89
N PRO B 50 -5.26 -9.72 -18.88
CA PRO B 50 -5.98 -9.88 -17.61
C PRO B 50 -5.94 -11.29 -17.05
N GLY B 51 -5.39 -12.25 -17.79
CA GLY B 51 -5.36 -13.62 -17.32
C GLY B 51 -4.46 -13.84 -16.12
N LYS B 52 -3.44 -12.98 -15.95
CA LYS B 52 -2.54 -13.14 -14.81
C LYS B 52 -3.16 -12.72 -13.50
N PHE B 53 -4.33 -12.10 -13.53
CA PHE B 53 -5.08 -11.80 -12.31
C PHE B 53 -6.42 -12.52 -12.25
N THR B 54 -7.05 -12.80 -13.39
CA THR B 54 -8.36 -13.42 -13.38
C THR B 54 -8.27 -14.94 -13.50
N ASP B 55 -7.36 -15.46 -14.32
CA ASP B 55 -7.14 -16.90 -14.47
C ASP B 55 -5.70 -17.25 -14.09
N PRO B 56 -5.32 -17.06 -12.80
CA PRO B 56 -3.95 -17.39 -12.40
C PRO B 56 -3.83 -18.85 -11.99
N VAL B 57 -4.83 -19.65 -12.38
CA VAL B 57 -4.88 -21.05 -11.97
C VAL B 57 -3.93 -21.88 -12.83
N LYS B 58 -3.40 -22.95 -12.24
CA LYS B 58 -2.41 -23.78 -12.93
C LYS B 58 -3.04 -24.55 -14.08
N ASP B 59 -4.05 -25.38 -13.78
CA ASP B 59 -4.75 -26.12 -14.81
C ASP B 59 -5.82 -25.26 -15.45
N LEU B 60 -5.89 -25.28 -16.77
CA LEU B 60 -6.85 -24.42 -17.44
C LEU B 60 -8.28 -24.83 -17.12
N MET B 61 -9.10 -23.84 -16.86
CA MET B 61 -10.51 -24.00 -16.55
C MET B 61 -11.31 -23.49 -17.74
N ILE B 62 -11.83 -24.43 -18.54
CA ILE B 62 -12.74 -24.06 -19.61
C ILE B 62 -14.06 -23.61 -18.99
N LYS B 63 -14.64 -22.56 -19.56
CA LYS B 63 -15.77 -21.89 -18.92
C LYS B 63 -17.00 -22.79 -18.88
N THR B 64 -17.34 -23.43 -20.00
CA THR B 64 -18.57 -24.20 -20.08
C THR B 64 -18.53 -25.49 -19.28
N LEU B 65 -17.34 -25.96 -18.93
CA LEU B 65 -17.12 -27.19 -18.17
C LEU B 65 -17.25 -26.92 -16.68
N PRO B 66 -17.48 -27.95 -15.87
CA PRO B 66 -17.50 -27.75 -14.42
C PRO B 66 -16.12 -27.32 -13.90
N ALA B 67 -16.12 -26.40 -12.95
CA ALA B 67 -14.87 -25.93 -12.38
C ALA B 67 -14.11 -27.06 -11.70
N LEU B 68 -14.83 -28.01 -11.11
CA LEU B 68 -14.21 -29.12 -10.41
C LEU B 68 -14.75 -30.48 -10.89
N THR C 7 -10.29 -2.21 -29.09
CA THR C 7 -11.67 -2.12 -28.61
C THR C 7 -12.03 -3.30 -27.71
N VAL C 8 -13.07 -3.13 -26.88
CA VAL C 8 -13.52 -4.18 -25.98
C VAL C 8 -14.26 -5.24 -26.78
N ALA C 9 -14.49 -6.39 -26.15
CA ALA C 9 -15.04 -7.54 -26.88
C ALA C 9 -16.49 -7.31 -27.24
N ASN C 10 -16.85 -7.74 -28.45
CA ASN C 10 -18.22 -7.60 -28.93
C ASN C 10 -19.14 -8.60 -28.23
N THR C 11 -20.44 -8.35 -28.37
CA THR C 11 -21.44 -9.26 -27.85
C THR C 11 -21.83 -10.25 -28.94
N GLN C 12 -21.74 -11.53 -28.62
CA GLN C 12 -22.12 -12.47 -29.65
C GLN C 12 -23.59 -12.83 -29.52
N PRO C 13 -24.26 -13.17 -30.61
CA PRO C 13 -25.66 -13.60 -30.52
C PRO C 13 -25.74 -14.94 -29.82
N SER C 14 -26.71 -15.07 -28.93
CA SER C 14 -26.94 -16.32 -28.23
C SER C 14 -28.42 -16.63 -28.24
N GLY C 15 -28.75 -17.90 -28.43
CA GLY C 15 -30.12 -18.34 -28.48
C GLY C 15 -30.48 -19.15 -27.26
N PRO C 16 -31.64 -19.82 -27.31
CA PRO C 16 -32.05 -20.65 -26.18
C PRO C 16 -31.12 -21.84 -26.02
N SER C 17 -30.83 -22.18 -24.77
CA SER C 17 -29.90 -23.26 -24.47
C SER C 17 -30.56 -24.24 -23.52
N ASN C 18 -30.31 -25.52 -23.75
CA ASN C 18 -30.72 -26.60 -22.85
C ASN C 18 -29.68 -27.70 -23.00
N SER C 19 -28.69 -27.68 -22.11
CA SER C 19 -27.52 -28.52 -22.29
C SER C 19 -26.89 -28.77 -20.93
N THR C 20 -25.82 -29.55 -20.93
CA THR C 20 -25.04 -29.78 -19.73
C THR C 20 -23.90 -28.80 -19.57
N GLU C 21 -23.76 -27.84 -20.47
CA GLU C 21 -22.79 -26.78 -20.28
C GLU C 21 -23.28 -25.84 -19.19
N ILE C 22 -22.39 -25.49 -18.26
CA ILE C 22 -22.76 -24.68 -17.12
C ILE C 22 -21.76 -23.54 -16.97
N PRO C 23 -21.83 -22.52 -17.83
CA PRO C 23 -20.90 -21.39 -17.67
C PRO C 23 -21.16 -20.59 -16.41
N ALA C 24 -22.42 -20.53 -15.96
CA ALA C 24 -22.76 -19.77 -14.77
C ALA C 24 -22.35 -20.48 -13.49
N LEU C 25 -22.15 -21.79 -13.52
CA LEU C 25 -21.74 -22.53 -12.34
C LEU C 25 -20.22 -22.65 -12.33
N THR C 26 -19.59 -22.02 -11.34
CA THR C 26 -18.13 -22.02 -11.24
C THR C 26 -17.76 -22.31 -9.81
N ALA C 27 -16.47 -22.16 -9.50
CA ALA C 27 -15.95 -22.31 -8.15
C ALA C 27 -15.02 -21.14 -7.87
N VAL C 28 -15.45 -20.20 -7.02
CA VAL C 28 -14.54 -19.10 -6.70
C VAL C 28 -13.42 -19.58 -5.80
N GLU C 29 -13.58 -20.75 -5.17
CA GLU C 29 -12.52 -21.33 -4.35
C GLU C 29 -11.21 -21.48 -5.12
N THR C 30 -11.27 -21.61 -6.43
CA THR C 30 -10.07 -21.79 -7.23
C THR C 30 -9.23 -20.53 -7.34
N GLY C 31 -9.70 -19.40 -6.81
CA GLY C 31 -9.00 -18.16 -7.05
C GLY C 31 -9.15 -17.67 -8.48
N HIS C 32 -10.11 -18.22 -9.22
CA HIS C 32 -10.29 -17.94 -10.63
C HIS C 32 -11.55 -17.11 -10.82
N THR C 33 -11.42 -15.98 -11.51
CA THR C 33 -12.59 -15.16 -11.82
C THR C 33 -13.27 -15.71 -13.08
N SER C 34 -14.58 -15.95 -12.98
CA SER C 34 -15.32 -16.53 -14.08
C SER C 34 -15.24 -15.66 -15.32
N GLN C 35 -15.10 -16.29 -16.49
CA GLN C 35 -15.01 -15.59 -17.76
C GLN C 35 -16.36 -15.52 -18.46
N VAL C 36 -17.45 -15.57 -17.69
CA VAL C 36 -18.79 -15.49 -18.26
C VAL C 36 -19.03 -14.09 -18.83
N ASP C 37 -19.69 -14.03 -19.97
CA ASP C 37 -20.22 -12.80 -20.54
C ASP C 37 -21.72 -12.99 -20.67
N PRO C 38 -22.50 -11.95 -20.96
CA PRO C 38 -23.96 -12.14 -21.07
C PRO C 38 -24.38 -13.15 -22.11
N SER C 39 -23.51 -13.47 -23.07
CA SER C 39 -23.86 -14.46 -24.08
C SER C 39 -24.05 -15.86 -23.49
N ASP C 40 -23.60 -16.07 -22.25
CA ASP C 40 -23.66 -17.39 -21.64
C ASP C 40 -24.83 -17.57 -20.69
N THR C 41 -25.45 -16.49 -20.25
CA THR C 41 -26.53 -16.57 -19.26
C THR C 41 -27.88 -16.14 -19.80
N ILE C 42 -27.92 -15.29 -20.82
CA ILE C 42 -29.17 -14.82 -21.39
C ILE C 42 -29.07 -14.91 -22.91
N GLN C 43 -30.21 -14.67 -23.56
CA GLN C 43 -30.21 -14.54 -25.01
C GLN C 43 -29.74 -13.13 -25.36
N THR C 44 -28.63 -13.04 -26.09
CA THR C 44 -28.07 -11.76 -26.47
C THR C 44 -28.22 -11.55 -27.97
N ARG C 45 -28.03 -10.29 -28.37
CA ARG C 45 -27.97 -9.91 -29.77
C ARG C 45 -26.53 -9.59 -30.12
N HIS C 46 -26.24 -9.56 -31.42
CA HIS C 46 -24.91 -9.16 -31.86
C HIS C 46 -24.75 -7.66 -31.64
N VAL C 47 -23.78 -7.29 -30.80
CA VAL C 47 -23.43 -5.90 -30.59
C VAL C 47 -21.98 -5.74 -31.01
N VAL C 48 -21.74 -4.99 -32.08
CA VAL C 48 -20.39 -4.66 -32.50
C VAL C 48 -19.93 -3.50 -31.61
N ASN C 49 -19.12 -3.81 -30.60
CA ASN C 49 -18.76 -2.85 -29.57
C ASN C 49 -17.47 -2.14 -29.96
N PHE C 50 -17.53 -0.80 -30.01
CA PHE C 50 -16.38 0.02 -30.38
C PHE C 50 -15.75 0.71 -29.19
N HIS C 51 -16.17 0.41 -27.97
CA HIS C 51 -15.57 1.03 -26.80
C HIS C 51 -14.16 0.52 -26.63
N SER C 52 -13.23 1.44 -26.33
CA SER C 52 -11.86 1.05 -26.08
C SER C 52 -11.41 1.53 -24.72
N ARG C 53 -10.45 0.81 -24.13
CA ARG C 53 -9.97 1.05 -22.79
C ARG C 53 -8.75 1.97 -22.77
N SER C 54 -8.71 2.96 -23.67
CA SER C 54 -7.54 3.82 -23.80
C SER C 54 -7.34 4.70 -22.58
N GLU C 55 -8.43 5.29 -22.06
CA GLU C 55 -8.33 6.15 -20.89
C GLU C 55 -7.82 5.38 -19.68
N SER C 56 -8.24 4.13 -19.53
CA SER C 56 -7.86 3.29 -18.39
C SER C 56 -6.35 3.10 -18.26
N THR C 57 -5.62 2.88 -19.36
CA THR C 57 -4.22 2.39 -19.26
C THR C 57 -3.40 3.16 -18.23
N ILE C 58 -2.38 2.51 -17.66
CA ILE C 58 -1.64 3.12 -16.57
C ILE C 58 -1.00 4.42 -17.04
N GLU C 59 -0.62 4.48 -18.32
CA GLU C 59 -0.03 5.69 -18.88
C GLU C 59 -1.01 6.86 -18.82
N ASN C 60 -2.29 6.61 -19.13
CA ASN C 60 -3.27 7.68 -19.09
C ASN C 60 -3.76 7.91 -17.67
N PHE C 61 -3.91 6.84 -16.90
CA PHE C 61 -4.37 6.97 -15.51
C PHE C 61 -3.41 7.84 -14.72
N MET C 62 -2.12 7.58 -14.83
CA MET C 62 -1.11 8.34 -14.10
C MET C 62 -0.58 9.53 -14.87
N GLY C 63 -0.93 9.66 -16.15
CA GLY C 63 -0.38 10.72 -16.98
C GLY C 63 -1.05 12.06 -16.80
N ARG C 64 -1.34 12.41 -15.56
CA ARG C 64 -1.93 13.70 -15.22
C ARG C 64 -1.06 14.33 -14.14
N ALA C 65 -0.56 15.53 -14.40
CA ALA C 65 0.34 16.19 -13.46
C ALA C 65 -0.39 16.49 -12.17
N ALA C 66 0.12 15.94 -11.06
CA ALA C 66 -0.47 16.10 -9.75
C ALA C 66 0.48 16.86 -8.83
N CYS C 67 -0.08 17.74 -8.00
CA CYS C 67 0.77 18.44 -7.05
C CYS C 67 1.29 17.44 -6.03
N VAL C 68 2.57 17.55 -5.72
CA VAL C 68 3.22 16.65 -4.77
C VAL C 68 3.88 17.40 -3.63
N PHE C 69 4.02 18.72 -3.73
CA PHE C 69 4.75 19.48 -2.73
C PHE C 69 4.36 20.94 -2.82
N MET C 70 3.91 21.50 -1.71
CA MET C 70 3.64 22.93 -1.58
C MET C 70 4.41 23.46 -0.39
N ASP C 71 5.18 24.51 -0.59
CA ASP C 71 5.83 25.18 0.53
C ASP C 71 6.24 26.57 0.10
N GLN C 72 6.39 27.45 1.09
CA GLN C 72 6.75 28.83 0.84
C GLN C 72 8.10 29.15 1.45
N TYR C 73 8.63 30.30 1.05
CA TYR C 73 9.93 30.76 1.51
C TYR C 73 9.99 32.26 1.31
N LYS C 74 10.50 32.96 2.31
CA LYS C 74 10.57 34.42 2.27
C LYS C 74 11.78 34.86 1.45
N ILE C 75 11.80 36.15 1.12
CA ILE C 75 12.91 36.72 0.38
C ILE C 75 13.79 37.51 1.35
N ASN C 76 13.19 38.05 2.40
CA ASN C 76 13.92 38.82 3.40
C ASN C 76 13.99 38.06 4.72
N GLY C 77 15.02 38.37 5.48
CA GLY C 77 15.22 37.75 6.78
C GLY C 77 16.64 37.94 7.25
N GLU C 78 16.91 37.42 8.44
CA GLU C 78 18.28 37.38 8.93
C GLU C 78 19.14 36.57 7.96
N GLU C 79 20.42 36.84 7.94
CA GLU C 79 21.27 36.24 6.93
C GLU C 79 21.23 34.72 6.98
N THR C 80 21.18 34.20 8.19
CA THR C 80 21.16 32.76 8.41
C THR C 80 19.74 32.20 8.54
N SER C 81 18.74 32.94 8.06
CA SER C 81 17.36 32.46 8.20
C SER C 81 17.12 31.27 7.28
N THR C 82 16.48 30.24 7.82
CA THR C 82 16.11 29.07 7.03
C THR C 82 14.71 29.18 6.44
N ASP C 83 13.98 30.26 6.75
CA ASP C 83 12.71 30.51 6.10
C ASP C 83 12.87 31.10 4.72
N ARG C 84 14.08 31.49 4.34
CA ARG C 84 14.29 32.10 3.05
C ARG C 84 14.54 31.09 1.93
N PHE C 85 14.61 29.80 2.26
CA PHE C 85 14.62 28.77 1.24
C PHE C 85 13.74 27.61 1.69
N ALA C 86 13.30 26.81 0.72
CA ALA C 86 12.44 25.68 0.98
C ALA C 86 13.17 24.39 0.64
N VAL C 87 12.96 23.36 1.46
CA VAL C 87 13.50 22.03 1.22
C VAL C 87 12.32 21.10 1.02
N TRP C 88 12.54 20.03 0.26
CA TRP C 88 11.46 19.08 0.03
C TRP C 88 11.76 17.69 0.54
N THR C 89 12.94 17.14 0.25
CA THR C 89 13.21 15.72 0.50
C THR C 89 12.23 14.89 -0.32
N ILE C 90 12.47 14.84 -1.63
CA ILE C 90 11.53 14.36 -2.65
C ILE C 90 10.85 13.06 -2.26
N ASN C 91 9.53 13.03 -2.40
CA ASN C 91 8.71 11.87 -2.09
C ASN C 91 7.32 12.10 -2.65
N ILE C 92 6.56 11.02 -2.81
CA ILE C 92 5.23 11.12 -3.38
C ILE C 92 4.15 10.79 -2.35
N ARG C 93 4.46 10.98 -1.07
CA ARG C 93 3.54 10.63 0.00
C ARG C 93 2.89 11.82 0.66
N GLU C 94 3.21 13.04 0.24
CA GLU C 94 2.71 14.22 0.95
C GLU C 94 1.29 14.58 0.53
N MET C 95 0.94 14.37 -0.73
CA MET C 95 -0.40 14.63 -1.23
C MET C 95 -1.14 13.31 -1.40
N ALA C 96 -2.37 13.25 -0.90
CA ALA C 96 -3.09 11.98 -0.78
C ALA C 96 -3.54 11.45 -2.14
N GLN C 97 -3.80 12.34 -3.10
CA GLN C 97 -4.37 11.91 -4.37
C GLN C 97 -3.35 11.13 -5.20
N LEU C 98 -2.19 11.73 -5.47
CA LEU C 98 -1.17 11.01 -6.23
C LEU C 98 -0.62 9.84 -5.42
N ARG C 99 -0.58 9.97 -4.10
CA ARG C 99 -0.15 8.86 -3.27
C ARG C 99 -1.07 7.66 -3.44
N ARG C 100 -2.38 7.89 -3.38
CA ARG C 100 -3.32 6.79 -3.55
C ARG C 100 -3.24 6.20 -4.95
N LYS C 101 -3.00 7.04 -5.96
CA LYS C 101 -2.87 6.52 -7.33
C LYS C 101 -1.62 5.66 -7.48
N CYS C 102 -0.51 6.06 -6.86
CA CYS C 102 0.73 5.31 -6.99
C CYS C 102 0.74 4.04 -6.15
N GLU C 103 0.00 4.02 -5.04
CA GLU C 103 -0.01 2.86 -4.16
C GLU C 103 -1.07 1.85 -4.54
N MET C 104 -1.65 1.96 -5.73
CA MET C 104 -2.46 0.89 -6.28
C MET C 104 -1.62 -0.13 -7.01
N PHE C 105 -0.30 0.06 -7.04
CA PHE C 105 0.65 -0.89 -7.59
C PHE C 105 1.81 -1.00 -6.61
N THR C 106 2.30 -2.22 -6.44
CA THR C 106 3.41 -2.43 -5.50
C THR C 106 4.70 -1.86 -6.06
N TYR C 107 5.01 -2.17 -7.31
CA TYR C 107 6.22 -1.71 -7.97
C TYR C 107 5.86 -0.90 -9.20
N MET C 108 6.53 0.24 -9.36
CA MET C 108 6.33 1.11 -10.50
C MET C 108 7.69 1.53 -11.05
N ARG C 109 7.69 1.87 -12.34
CA ARG C 109 8.93 2.28 -12.99
C ARG C 109 8.54 3.33 -14.04
N PHE C 110 8.80 4.59 -13.74
CA PHE C 110 8.37 5.67 -14.60
C PHE C 110 9.41 6.77 -14.64
N ASP C 111 9.29 7.62 -15.67
CA ASP C 111 9.98 8.90 -15.70
C ASP C 111 9.05 9.95 -15.12
N ILE C 112 9.64 10.97 -14.49
CA ILE C 112 8.88 12.05 -13.88
C ILE C 112 8.96 13.27 -14.79
N GLU C 113 7.82 13.89 -15.04
CA GLU C 113 7.76 15.17 -15.72
C GLU C 113 7.40 16.21 -14.66
N MET C 114 8.42 16.88 -14.13
CA MET C 114 8.22 17.80 -13.03
C MET C 114 7.92 19.20 -13.55
N THR C 115 6.84 19.79 -13.05
CA THR C 115 6.46 21.15 -13.38
C THR C 115 6.23 21.91 -12.09
N MET C 116 6.80 23.10 -11.99
CA MET C 116 6.66 23.93 -10.78
C MET C 116 5.80 25.14 -11.08
N VAL C 117 5.02 25.56 -10.09
CA VAL C 117 4.16 26.73 -10.18
C VAL C 117 4.49 27.62 -8.99
N ILE C 118 5.30 28.66 -9.22
CA ILE C 118 5.80 29.53 -8.16
C ILE C 118 5.01 30.83 -8.21
N THR C 119 4.36 31.17 -7.10
CA THR C 119 3.54 32.37 -6.99
C THR C 119 4.02 33.20 -5.81
N SER C 120 3.70 34.49 -5.84
CA SER C 120 4.12 35.42 -4.80
C SER C 120 2.97 35.95 -3.97
N CYS C 121 3.14 35.94 -2.65
CA CYS C 121 2.18 36.40 -1.67
C CYS C 121 2.76 37.61 -0.93
N GLN C 122 2.03 38.71 -0.93
CA GLN C 122 2.46 39.90 -0.22
C GLN C 122 1.39 40.36 0.75
N ASP C 123 1.81 41.19 1.72
CA ASP C 123 0.88 41.78 2.68
C ASP C 123 1.32 43.19 3.03
N GLN C 124 0.33 44.01 3.38
CA GLN C 124 0.49 45.45 3.55
C GLN C 124 1.58 45.79 4.57
N ASP C 131 8.64 47.72 -4.00
CA ASP C 131 8.14 47.48 -5.35
C ASP C 131 9.15 46.68 -6.20
N MET C 132 9.06 45.35 -6.11
CA MET C 132 9.96 44.47 -6.84
C MET C 132 9.25 43.99 -8.09
N PRO C 133 9.74 44.30 -9.29
CA PRO C 133 8.96 44.07 -10.51
C PRO C 133 8.72 42.59 -10.78
N VAL C 134 9.76 41.78 -10.69
CA VAL C 134 9.61 40.34 -10.90
C VAL C 134 10.82 39.64 -10.27
N LEU C 135 10.58 38.45 -9.74
CA LEU C 135 11.57 37.72 -8.96
C LEU C 135 12.09 36.53 -9.76
N THR C 136 13.34 36.16 -9.49
CA THR C 136 13.94 34.99 -10.08
C THR C 136 14.15 33.94 -8.99
N HIS C 137 13.81 32.70 -9.30
CA HIS C 137 13.88 31.61 -8.34
C HIS C 137 14.83 30.55 -8.86
N GLN C 138 15.54 29.92 -7.93
CA GLN C 138 16.41 28.80 -8.25
C GLN C 138 15.88 27.56 -7.55
N ILE C 139 15.68 26.50 -8.32
CA ILE C 139 15.26 25.20 -7.78
C ILE C 139 16.43 24.26 -7.99
N MET C 140 17.24 24.06 -6.95
CA MET C 140 18.42 23.21 -7.03
C MET C 140 18.09 21.82 -6.52
N TYR C 141 18.38 20.82 -7.32
CA TYR C 141 18.20 19.42 -6.92
C TYR C 141 19.48 18.92 -6.29
N VAL C 142 19.40 18.44 -5.05
CA VAL C 142 20.57 17.90 -4.36
C VAL C 142 20.44 16.38 -4.31
N PRO C 143 21.14 15.65 -5.16
CA PRO C 143 21.08 14.18 -5.10
C PRO C 143 21.57 13.69 -3.75
N PRO C 144 21.24 12.46 -3.38
CA PRO C 144 21.56 11.97 -2.02
C PRO C 144 23.06 12.02 -1.73
N GLY C 145 23.40 12.72 -0.65
CA GLY C 145 24.78 12.82 -0.20
C GLY C 145 25.49 14.10 -0.60
N GLY C 146 24.86 14.93 -1.43
CA GLY C 146 25.46 16.18 -1.81
C GLY C 146 25.43 17.18 -0.67
N PRO C 147 26.24 18.23 -0.75
CA PRO C 147 26.24 19.22 0.32
C PRO C 147 24.98 20.06 0.26
N ILE C 148 24.32 20.20 1.40
CA ILE C 148 23.06 20.94 1.45
C ILE C 148 23.36 22.39 1.85
N PRO C 149 22.63 23.36 1.33
CA PRO C 149 22.89 24.76 1.70
C PRO C 149 22.56 25.04 3.16
N ALA C 150 23.51 25.65 3.87
CA ALA C 150 23.24 26.10 5.23
C ALA C 150 22.36 27.35 5.24
N LYS C 151 22.60 28.29 4.31
CA LYS C 151 21.88 29.57 4.22
C LYS C 151 21.45 29.79 2.77
N VAL C 152 20.61 30.81 2.49
CA VAL C 152 20.13 31.00 1.09
C VAL C 152 21.32 31.34 0.17
N ASP C 153 22.33 32.05 0.72
CA ASP C 153 23.49 32.52 -0.05
C ASP C 153 24.71 31.60 0.13
N GLY C 154 24.47 30.36 0.53
CA GLY C 154 25.56 29.41 0.69
C GLY C 154 26.20 29.06 -0.64
N TYR C 155 27.44 28.57 -0.55
CA TYR C 155 28.18 28.26 -1.75
C TYR C 155 27.54 27.15 -2.58
N GLU C 156 26.74 26.26 -1.99
CA GLU C 156 26.25 25.13 -2.77
C GLU C 156 25.43 25.59 -3.97
N TRP C 157 24.68 26.69 -3.81
CA TRP C 157 23.82 27.18 -4.89
C TRP C 157 24.57 27.35 -6.20
N GLN C 158 25.88 27.62 -6.14
CA GLN C 158 26.65 27.70 -7.38
C GLN C 158 26.81 26.27 -7.84
N THR C 159 25.68 25.69 -8.25
CA THR C 159 25.61 24.31 -8.70
C THR C 159 26.66 24.09 -9.76
N SER C 160 27.59 23.18 -9.51
CA SER C 160 28.47 22.81 -10.61
C SER C 160 28.13 21.44 -11.19
N THR C 161 27.62 20.51 -10.39
CA THR C 161 27.01 19.33 -10.99
C THR C 161 25.59 19.07 -10.54
N ASN C 162 25.11 19.69 -9.48
CA ASN C 162 23.71 19.57 -9.14
C ASN C 162 22.85 20.19 -10.25
N PRO C 163 21.83 19.48 -10.75
CA PRO C 163 20.96 20.12 -11.75
C PRO C 163 20.08 21.16 -11.08
N SER C 164 20.02 22.33 -11.70
CA SER C 164 19.30 23.46 -11.14
C SER C 164 18.54 24.17 -12.25
N VAL C 165 17.35 24.67 -11.93
CA VAL C 165 16.57 25.44 -12.88
C VAL C 165 16.33 26.83 -12.30
N PHE C 166 16.45 27.83 -13.17
CA PHE C 166 16.20 29.23 -12.82
C PHE C 166 14.95 29.70 -13.55
N TRP C 167 14.16 30.51 -12.87
CA TRP C 167 12.88 30.91 -13.44
C TRP C 167 12.47 32.27 -12.88
N THR C 168 12.26 33.22 -13.78
CA THR C 168 11.73 34.52 -13.47
C THR C 168 10.23 34.49 -13.71
N GLU C 169 9.47 35.18 -12.84
CA GLU C 169 8.03 35.10 -12.93
C GLU C 169 7.51 35.76 -14.20
N GLY C 170 6.23 35.53 -14.47
CA GLY C 170 5.60 35.93 -15.71
C GLY C 170 5.88 35.03 -16.88
N ASN C 171 6.87 34.15 -16.78
CA ASN C 171 7.20 33.23 -17.86
C ASN C 171 6.37 31.96 -17.72
N ALA C 172 6.57 31.03 -18.63
CA ALA C 172 5.95 29.72 -18.50
C ALA C 172 6.49 29.05 -17.23
N PRO C 173 5.72 28.14 -16.64
CA PRO C 173 6.21 27.41 -15.48
C PRO C 173 7.42 26.58 -15.86
N PRO C 174 8.36 26.39 -14.94
CA PRO C 174 9.53 25.55 -15.23
C PRO C 174 9.12 24.09 -15.34
N ARG C 175 9.76 23.37 -16.25
CA ARG C 175 9.35 22.01 -16.54
C ARG C 175 10.56 21.20 -16.97
N ILE C 176 10.78 20.06 -16.32
CA ILE C 176 11.95 19.22 -16.59
C ILE C 176 11.54 17.76 -16.53
N SER C 177 12.24 16.94 -17.29
CA SER C 177 12.06 15.50 -17.26
C SER C 177 13.07 14.89 -16.30
N ILE C 178 12.66 13.84 -15.61
CA ILE C 178 13.58 13.11 -14.72
C ILE C 178 13.52 11.64 -15.07
N PRO C 179 14.65 10.97 -15.23
CA PRO C 179 14.62 9.55 -15.58
C PRO C 179 14.23 8.67 -14.40
N PHE C 180 14.29 7.37 -14.61
CA PHE C 180 14.01 6.41 -13.55
C PHE C 180 15.29 6.25 -12.73
N ILE C 181 15.34 6.88 -11.56
CA ILE C 181 16.60 7.08 -10.84
C ILE C 181 16.71 6.20 -9.60
N SER C 182 15.99 5.09 -9.53
CA SER C 182 16.12 4.24 -8.34
C SER C 182 17.23 3.23 -8.52
N VAL C 183 17.90 2.88 -7.42
CA VAL C 183 18.93 1.87 -7.46
C VAL C 183 18.34 0.50 -7.73
N GLY C 184 17.06 0.30 -7.42
CA GLY C 184 16.40 -0.94 -7.73
C GLY C 184 15.83 -0.94 -9.13
N ASN C 185 15.29 -2.10 -9.51
CA ASN C 185 14.72 -2.23 -10.85
C ASN C 185 13.34 -1.63 -10.96
N ALA C 186 12.79 -1.11 -9.86
CA ALA C 186 11.50 -0.45 -9.86
C ALA C 186 11.38 0.37 -8.59
N TYR C 187 10.54 1.40 -8.64
CA TYR C 187 10.15 2.08 -7.42
C TYR C 187 9.23 1.18 -6.61
N SER C 188 9.41 1.18 -5.30
CA SER C 188 8.56 0.38 -4.42
C SER C 188 7.56 1.32 -3.76
N SER C 189 6.27 1.14 -4.08
CA SER C 189 5.25 1.88 -3.36
C SER C 189 5.15 1.38 -1.93
N PHE C 190 5.51 0.13 -1.69
CA PHE C 190 5.50 -0.47 -0.36
C PHE C 190 6.75 -1.31 -0.19
N TYR C 191 7.22 -1.38 1.05
CA TYR C 191 8.40 -2.16 1.39
C TYR C 191 8.13 -2.77 2.76
N ASP C 192 7.62 -4.00 2.78
CA ASP C 192 7.42 -4.65 4.06
C ASP C 192 8.76 -5.14 4.60
N GLY C 193 9.43 -4.31 5.37
CA GLY C 193 10.73 -4.66 5.88
C GLY C 193 11.38 -3.47 6.55
N TRP C 194 12.62 -3.70 6.97
CA TRP C 194 13.35 -2.74 7.79
C TRP C 194 14.58 -2.23 7.05
N SER C 195 15.18 -1.18 7.60
CA SER C 195 16.40 -0.64 7.02
C SER C 195 17.62 -1.45 7.43
N HIS C 196 17.63 -2.00 8.63
CA HIS C 196 18.77 -2.72 9.15
C HIS C 196 18.50 -4.22 9.15
N PHE C 197 19.58 -4.98 8.96
CA PHE C 197 19.47 -6.43 8.84
C PHE C 197 19.01 -7.09 10.12
N THR C 198 19.12 -6.40 11.25
CA THR C 198 18.65 -6.92 12.52
C THR C 198 17.16 -6.69 12.73
N GLN C 199 16.44 -6.31 11.68
CA GLN C 199 14.99 -6.10 11.72
C GLN C 199 14.62 -5.02 12.74
N ASP C 200 15.35 -3.92 12.69
CA ASP C 200 14.97 -2.72 13.40
C ASP C 200 15.43 -1.52 12.57
N GLY C 201 15.39 -0.34 13.17
CA GLY C 201 15.64 0.88 12.44
C GLY C 201 14.36 1.48 11.93
N THR C 202 14.32 1.79 10.64
CA THR C 202 13.12 2.31 9.98
C THR C 202 12.34 1.18 9.31
N TYR C 203 11.04 1.15 9.55
CA TYR C 203 10.16 0.18 8.92
C TYR C 203 9.42 0.85 7.77
N GLY C 204 9.38 0.20 6.63
CA GLY C 204 8.49 0.59 5.55
C GLY C 204 9.21 1.16 4.35
N TYR C 205 8.43 1.85 3.51
CA TYR C 205 8.95 2.32 2.23
C TYR C 205 9.90 3.50 2.37
N THR C 206 10.03 4.07 3.56
CA THR C 206 11.00 5.15 3.75
C THR C 206 12.42 4.61 3.68
N THR C 207 12.55 3.29 3.83
CA THR C 207 13.85 2.62 3.68
C THR C 207 14.35 2.72 2.24
N LEU C 208 13.46 2.55 1.27
CA LEU C 208 13.86 2.63 -0.14
C LEU C 208 13.82 4.03 -0.75
N ASN C 209 13.31 5.04 -0.06
CA ASN C 209 13.20 6.37 -0.66
C ASN C 209 14.55 7.07 -0.58
N ALA C 210 15.34 6.93 -1.63
CA ALA C 210 16.64 7.57 -1.75
C ALA C 210 16.68 8.52 -2.94
N MET C 211 15.60 9.25 -3.15
CA MET C 211 15.61 10.37 -4.08
C MET C 211 16.06 11.61 -3.32
N GLY C 212 16.74 12.50 -4.01
CA GLY C 212 17.44 13.60 -3.36
C GLY C 212 16.48 14.58 -2.71
N LYS C 213 17.00 15.77 -2.48
CA LYS C 213 16.27 16.87 -1.89
C LYS C 213 16.13 17.95 -2.93
N LEU C 214 15.19 18.84 -2.72
CA LEU C 214 14.91 19.93 -3.63
C LEU C 214 14.99 21.23 -2.86
N TYR C 215 15.93 22.09 -3.23
CA TYR C 215 16.13 23.36 -2.54
C TYR C 215 15.67 24.49 -3.45
N ILE C 216 14.83 25.36 -2.91
CA ILE C 216 14.23 26.45 -3.67
C ILE C 216 14.45 27.74 -2.90
N ARG C 217 14.84 28.79 -3.61
CA ARG C 217 15.12 30.09 -3.00
C ARG C 217 14.82 31.19 -3.99
N HIS C 218 14.89 32.42 -3.50
CA HIS C 218 14.89 33.61 -4.36
C HIS C 218 16.32 33.91 -4.75
N VAL C 219 16.58 34.09 -6.04
CA VAL C 219 17.93 34.48 -6.43
C VAL C 219 18.15 35.96 -6.16
N ASN C 220 17.07 36.74 -6.11
CA ASN C 220 17.18 38.13 -5.68
C ASN C 220 17.64 38.18 -4.23
N ARG C 221 18.60 39.07 -3.96
CA ARG C 221 19.25 39.09 -2.66
C ARG C 221 18.32 39.63 -1.58
N SER C 222 17.48 40.60 -1.93
CA SER C 222 16.70 41.31 -0.92
C SER C 222 15.49 41.95 -1.60
N SER C 223 14.68 42.63 -0.80
CA SER C 223 13.51 43.35 -1.29
C SER C 223 13.14 44.39 -0.24
N PRO C 224 12.53 45.51 -0.65
CA PRO C 224 12.14 46.52 0.36
C PRO C 224 11.15 45.97 1.37
N HIS C 225 10.10 45.31 0.89
CA HIS C 225 9.09 44.68 1.72
C HIS C 225 9.23 43.17 1.63
N GLN C 226 8.76 42.48 2.67
CA GLN C 226 8.84 41.03 2.69
C GLN C 226 7.93 40.43 1.64
N ILE C 227 8.43 39.45 0.89
CA ILE C 227 7.65 38.72 -0.10
C ILE C 227 7.76 37.24 0.23
N THR C 228 6.61 36.55 0.23
CA THR C 228 6.58 35.12 0.49
C THR C 228 6.17 34.43 -0.81
N SER C 229 7.12 33.74 -1.43
CA SER C 229 6.81 32.94 -2.61
C SER C 229 6.45 31.53 -2.19
N THR C 230 5.47 30.97 -2.88
CA THR C 230 5.08 29.58 -2.70
C THR C 230 5.39 28.80 -3.96
N ILE C 231 6.03 27.65 -3.80
CA ILE C 231 6.30 26.76 -4.92
C ILE C 231 5.37 25.56 -4.81
N ARG C 232 4.78 25.17 -5.93
CA ARG C 232 3.98 23.96 -6.05
C ARG C 232 4.64 23.07 -7.08
N VAL C 233 5.09 21.89 -6.66
CA VAL C 233 5.70 20.94 -7.56
C VAL C 233 4.63 19.98 -8.07
N TYR C 234 4.61 19.75 -9.38
CA TYR C 234 3.64 18.86 -10.00
C TYR C 234 4.39 17.72 -10.67
N PHE C 235 4.12 16.50 -10.23
CA PHE C 235 4.70 15.31 -10.83
C PHE C 235 3.72 14.72 -11.83
N LYS C 236 4.25 14.27 -12.96
CA LYS C 236 3.47 13.50 -13.92
C LYS C 236 4.29 12.29 -14.33
N PRO C 237 3.96 11.10 -13.82
CA PRO C 237 4.67 9.90 -14.26
C PRO C 237 4.42 9.63 -15.74
N LYS C 238 5.48 9.35 -16.48
CA LYS C 238 5.38 8.94 -17.87
C LYS C 238 6.26 7.74 -18.11
N HIS C 239 6.01 7.05 -19.22
CA HIS C 239 6.69 5.80 -19.56
C HIS C 239 6.62 4.84 -18.37
N ILE C 240 5.39 4.57 -17.94
CA ILE C 240 5.13 3.88 -16.69
C ILE C 240 5.05 2.38 -16.93
N LYS C 241 5.68 1.63 -16.04
CA LYS C 241 5.48 0.20 -15.91
C LYS C 241 5.10 -0.08 -14.47
N ALA C 242 4.02 -0.82 -14.27
CA ALA C 242 3.52 -1.09 -12.93
C ALA C 242 3.29 -2.58 -12.76
N TRP C 243 3.59 -3.09 -11.56
CA TRP C 243 3.46 -4.50 -11.27
C TRP C 243 2.69 -4.69 -9.98
N VAL C 244 2.04 -5.84 -9.86
CA VAL C 244 1.38 -6.30 -8.64
C VAL C 244 0.40 -5.24 -8.14
N PRO C 245 -0.77 -5.11 -8.76
CA PRO C 245 -1.76 -4.16 -8.25
C PRO C 245 -2.25 -4.54 -6.86
N ARG C 246 -2.66 -3.53 -6.11
CA ARG C 246 -3.09 -3.66 -4.72
C ARG C 246 -4.46 -3.02 -4.57
N PRO C 247 -5.17 -3.33 -3.49
CA PRO C 247 -6.44 -2.64 -3.23
C PRO C 247 -6.19 -1.17 -2.96
N PRO C 248 -7.06 -0.30 -3.46
CA PRO C 248 -6.87 1.13 -3.23
C PRO C 248 -6.98 1.48 -1.76
N ARG C 249 -6.27 2.53 -1.36
CA ARG C 249 -6.26 2.95 0.03
C ARG C 249 -7.67 3.27 0.50
N LEU C 250 -8.12 2.58 1.55
CA LEU C 250 -9.44 2.80 2.12
C LEU C 250 -9.42 3.88 3.19
N CYS C 251 -8.47 3.81 4.09
CA CYS C 251 -8.40 4.70 5.24
C CYS C 251 -7.70 5.99 4.87
N PRO C 252 -8.04 7.09 5.56
CA PRO C 252 -7.31 8.33 5.33
C PRO C 252 -5.85 8.18 5.75
N TYR C 253 -4.99 8.94 5.07
CA TYR C 253 -3.58 8.93 5.41
C TYR C 253 -3.34 9.76 6.67
N ILE C 254 -2.40 9.30 7.49
CA ILE C 254 -2.01 10.02 8.69
C ILE C 254 -0.64 10.66 8.50
N ASN C 255 0.38 9.85 8.27
CA ASN C 255 1.76 10.31 8.14
C ASN C 255 2.22 10.14 6.71
N LYS C 256 3.14 11.00 6.30
CA LYS C 256 3.78 10.89 5.00
C LYS C 256 4.95 9.92 5.01
N ARG C 257 5.12 9.17 6.09
CA ARG C 257 6.26 8.29 6.27
C ARG C 257 5.90 6.82 6.44
N ASP C 258 4.64 6.49 6.67
CA ASP C 258 4.28 5.11 6.93
C ASP C 258 2.83 4.86 6.57
N VAL C 259 2.44 3.59 6.67
CA VAL C 259 1.13 3.08 6.30
C VAL C 259 0.15 3.20 7.45
N ASN C 260 0.56 3.89 8.52
CA ASN C 260 -0.30 4.01 9.69
C ASN C 260 -1.65 4.58 9.32
N PHE C 261 -2.71 3.96 9.83
CA PHE C 261 -4.08 4.30 9.48
C PHE C 261 -4.96 4.14 10.71
N VAL C 262 -6.08 4.85 10.68
CA VAL C 262 -7.15 4.66 11.64
C VAL C 262 -8.20 3.76 11.00
N VAL C 263 -8.73 2.82 11.78
CA VAL C 263 -9.63 1.81 11.23
C VAL C 263 -10.82 2.50 10.58
N THR C 264 -11.01 2.24 9.29
CA THR C 264 -12.06 2.85 8.49
C THR C 264 -13.03 1.78 8.04
N GLU C 265 -14.32 2.10 8.06
CA GLU C 265 -15.34 1.12 7.68
C GLU C 265 -15.22 0.77 6.20
N ILE C 266 -15.70 -0.43 5.87
CA ILE C 266 -15.49 -1.00 4.53
C ILE C 266 -16.14 -0.14 3.47
N THR C 267 -17.39 0.26 3.69
CA THR C 267 -18.13 1.10 2.76
C THR C 267 -19.17 1.86 3.57
N ASP C 268 -19.92 2.72 2.90
CA ASP C 268 -20.98 3.42 3.60
C ASP C 268 -22.08 2.44 3.97
N SER C 269 -22.74 2.69 5.10
CA SER C 269 -23.69 1.73 5.61
C SER C 269 -25.07 1.98 5.04
N ARG C 270 -25.94 0.98 5.21
CA ARG C 270 -27.35 1.06 4.89
C ARG C 270 -28.15 0.92 6.17
N THR C 271 -29.47 0.77 6.04
CA THR C 271 -30.27 0.43 7.21
C THR C 271 -30.64 -1.04 7.26
N SER C 272 -30.80 -1.71 6.11
CA SER C 272 -31.05 -3.15 6.07
C SER C 272 -30.48 -3.72 4.78
N ILE C 273 -30.35 -5.04 4.74
CA ILE C 273 -29.76 -5.68 3.56
C ILE C 273 -30.63 -5.54 2.31
N THR C 274 -31.91 -5.22 2.48
CA THR C 274 -32.79 -4.97 1.34
C THR C 274 -33.12 -3.49 1.18
N ASP C 275 -32.38 -2.62 1.86
CA ASP C 275 -32.55 -1.18 1.74
C ASP C 275 -32.10 -0.75 0.36
N THR C 276 -33.06 -0.54 -0.53
CA THR C 276 -32.75 -0.13 -1.90
C THR C 276 -33.45 1.19 -2.16
N PRO C 277 -32.72 2.30 -2.21
CA PRO C 277 -33.35 3.60 -2.46
C PRO C 277 -34.00 3.63 -3.83
N HIS C 278 -35.32 3.74 -3.85
CA HIS C 278 -36.08 3.76 -5.10
C HIS C 278 -36.88 5.05 -5.23
N PRO C 279 -37.06 5.54 -6.46
CA PRO C 279 -37.82 6.80 -6.64
C PRO C 279 -39.32 6.63 -6.47
N GLU C 280 -39.90 5.57 -7.01
CA GLU C 280 -41.35 5.40 -7.07
C GLU C 280 -41.88 5.05 -5.67
N HIS C 281 -41.92 6.07 -4.81
CA HIS C 281 -42.45 5.91 -3.46
C HIS C 281 -43.98 5.76 -3.50
N ASP D 11 -9.99 -33.94 -10.90
CA ASP D 11 -8.98 -32.90 -10.76
C ASP D 11 -8.99 -32.36 -9.34
N ARG D 12 -9.87 -32.91 -8.51
CA ARG D 12 -9.87 -32.54 -7.10
C ARG D 12 -8.61 -33.03 -6.40
N VAL D 13 -8.14 -34.23 -6.74
CA VAL D 13 -6.95 -34.76 -6.12
C VAL D 13 -5.73 -34.09 -6.73
N ARG D 14 -4.67 -34.00 -5.93
CA ARG D 14 -3.47 -33.27 -6.31
C ARG D 14 -2.36 -33.81 -5.43
N SER D 15 -1.17 -34.00 -6.00
CA SER D 15 -0.04 -34.48 -5.23
C SER D 15 1.19 -33.71 -5.65
N MET D 16 1.84 -33.07 -4.69
CA MET D 16 3.02 -32.26 -4.95
C MET D 16 4.22 -32.92 -4.31
N THR D 17 5.30 -33.01 -5.06
CA THR D 17 6.55 -33.58 -4.57
C THR D 17 7.63 -32.53 -4.78
N LEU D 18 8.30 -32.11 -3.71
CA LEU D 18 9.36 -31.13 -3.87
C LEU D 18 10.72 -31.65 -3.41
N GLY D 19 10.85 -32.17 -2.21
CA GLY D 19 12.15 -32.71 -1.87
C GLY D 19 12.06 -34.17 -1.55
N ASN D 20 12.24 -34.45 -0.26
CA ASN D 20 11.88 -35.72 0.33
C ASN D 20 10.47 -35.63 0.91
N SER D 21 9.69 -34.66 0.48
CA SER D 21 8.36 -34.40 1.04
C SER D 21 7.30 -34.50 -0.05
N THR D 22 6.17 -35.08 0.30
CA THR D 22 5.04 -35.20 -0.61
C THR D 22 3.79 -34.70 0.10
N ILE D 23 3.00 -33.90 -0.60
CA ILE D 23 1.72 -33.44 -0.10
C ILE D 23 0.64 -34.06 -0.98
N THR D 24 -0.32 -34.72 -0.35
CA THR D 24 -1.47 -35.27 -1.05
C THR D 24 -2.70 -34.51 -0.58
N THR D 25 -3.59 -34.22 -1.51
CA THR D 25 -4.87 -33.63 -1.17
C THR D 25 -5.93 -34.19 -2.11
N GLN D 26 -7.07 -34.59 -1.55
CA GLN D 26 -8.12 -35.24 -2.32
C GLN D 26 -9.29 -34.32 -2.62
N GLU D 27 -9.54 -33.33 -1.76
CA GLU D 27 -10.60 -32.36 -1.96
C GLU D 27 -9.90 -31.00 -2.04
N SER D 28 -9.43 -30.64 -3.23
CA SER D 28 -8.72 -29.39 -3.46
C SER D 28 -9.34 -28.67 -4.64
N ALA D 29 -9.14 -27.36 -4.66
CA ALA D 29 -9.45 -26.56 -5.85
C ALA D 29 -8.28 -26.71 -6.81
N ASN D 30 -8.21 -25.83 -7.81
CA ASN D 30 -7.05 -25.80 -8.68
C ASN D 30 -5.82 -25.38 -7.87
N VAL D 31 -4.68 -25.34 -8.53
CA VAL D 31 -3.49 -24.68 -7.99
C VAL D 31 -3.43 -23.28 -8.58
N VAL D 32 -3.17 -22.28 -7.76
CA VAL D 32 -2.99 -20.92 -8.23
C VAL D 32 -1.50 -20.68 -8.39
N VAL D 33 -1.12 -20.31 -9.60
CA VAL D 33 0.25 -19.91 -9.90
C VAL D 33 0.27 -18.38 -9.88
N GLY D 34 0.90 -17.81 -8.86
CA GLY D 34 0.88 -16.37 -8.65
C GLY D 34 1.23 -15.57 -9.88
N TYR D 35 0.26 -14.81 -10.39
CA TYR D 35 0.46 -13.97 -11.57
C TYR D 35 0.78 -14.80 -12.80
N GLY D 36 0.32 -16.05 -12.78
CA GLY D 36 0.53 -16.97 -13.88
C GLY D 36 1.99 -17.20 -14.22
N GLU D 37 2.86 -17.20 -13.20
CA GLU D 37 4.28 -17.40 -13.42
C GLU D 37 4.80 -18.48 -12.50
N TRP D 38 5.63 -19.35 -13.05
CA TRP D 38 6.16 -20.42 -12.24
C TRP D 38 7.58 -20.04 -11.84
N PRO D 39 7.94 -20.22 -10.57
CA PRO D 39 9.28 -19.82 -10.12
C PRO D 39 10.38 -20.38 -11.01
N SER D 40 11.49 -19.65 -11.05
CA SER D 40 12.63 -20.02 -11.86
C SER D 40 13.89 -19.52 -11.17
N TYR D 41 15.03 -19.94 -11.70
CA TYR D 41 16.28 -19.40 -11.20
C TYR D 41 16.54 -18.04 -11.83
N LEU D 42 17.34 -17.24 -11.14
CA LEU D 42 17.69 -15.93 -11.68
C LEU D 42 18.56 -16.11 -12.92
N SER D 43 18.29 -15.34 -13.96
CA SER D 43 19.01 -15.52 -15.20
C SER D 43 20.19 -14.55 -15.29
N ASP D 44 21.12 -14.85 -16.20
CA ASP D 44 22.37 -14.10 -16.27
C ASP D 44 22.14 -12.66 -16.72
N ARG D 45 21.13 -12.43 -17.55
CA ARG D 45 20.81 -11.08 -17.97
C ARG D 45 20.25 -10.25 -16.83
N GLU D 46 19.59 -10.88 -15.86
CA GLU D 46 18.96 -10.12 -14.79
C GLU D 46 19.72 -10.19 -13.47
N ALA D 47 20.80 -10.97 -13.41
CA ALA D 47 21.59 -11.05 -12.20
C ALA D 47 22.41 -9.78 -12.01
N THR D 48 22.70 -9.47 -10.75
CA THR D 48 23.62 -8.38 -10.47
C THR D 48 24.75 -8.78 -9.54
N ALA D 49 24.48 -9.63 -8.54
CA ALA D 49 25.55 -10.15 -7.70
C ALA D 49 26.41 -11.12 -8.49
N GLU D 50 27.72 -10.91 -8.47
CA GLU D 50 28.61 -11.58 -9.40
C GLU D 50 29.11 -12.93 -8.91
N ASP D 51 29.12 -13.16 -7.61
CA ASP D 51 29.61 -14.44 -7.12
C ASP D 51 28.65 -15.56 -7.53
N GLN D 52 29.17 -16.77 -7.48
CA GLN D 52 28.38 -17.93 -7.88
C GLN D 52 27.31 -18.21 -6.84
N PRO D 53 26.05 -18.33 -7.23
CA PRO D 53 25.01 -18.67 -6.26
C PRO D 53 25.12 -20.12 -5.84
N THR D 54 24.62 -20.41 -4.65
CA THR D 54 24.48 -21.79 -4.18
C THR D 54 23.02 -22.21 -4.37
N GLN D 55 22.82 -23.38 -4.95
CA GLN D 55 21.49 -23.88 -5.27
C GLN D 55 21.32 -25.27 -4.67
N PRO D 56 21.09 -25.35 -3.35
CA PRO D 56 20.91 -26.64 -2.67
C PRO D 56 19.46 -27.10 -2.81
N ASP D 57 19.14 -27.68 -3.97
CA ASP D 57 17.75 -27.80 -4.37
C ASP D 57 16.90 -28.63 -3.41
N VAL D 58 17.25 -29.91 -3.24
CA VAL D 58 16.41 -30.77 -2.43
C VAL D 58 16.56 -30.45 -0.95
N ALA D 59 17.71 -29.92 -0.54
CA ALA D 59 17.95 -29.71 0.88
C ALA D 59 17.13 -28.56 1.43
N THR D 60 16.79 -27.59 0.59
CA THR D 60 16.01 -26.46 1.06
C THR D 60 14.67 -26.31 0.34
N CYS D 61 14.60 -26.57 -0.96
CA CYS D 61 13.33 -26.51 -1.69
C CYS D 61 12.52 -27.77 -1.43
N ARG D 62 11.95 -27.82 -0.22
CA ARG D 62 11.15 -28.94 0.25
C ARG D 62 10.03 -28.37 1.12
N PHE D 63 9.04 -29.21 1.40
CA PHE D 63 7.84 -28.74 2.10
C PHE D 63 8.10 -28.63 3.59
N TYR D 64 7.94 -27.42 4.13
CA TYR D 64 8.09 -27.16 5.55
C TYR D 64 6.71 -26.90 6.14
N THR D 65 6.42 -27.53 7.26
CA THR D 65 5.12 -27.43 7.92
C THR D 65 5.26 -26.53 9.14
N LEU D 66 4.52 -25.43 9.16
CA LEU D 66 4.55 -24.51 10.28
C LEU D 66 3.61 -24.97 11.37
N GLU D 67 3.72 -24.34 12.54
CA GLU D 67 2.86 -24.67 13.65
C GLU D 67 1.40 -24.37 13.30
N SER D 68 0.52 -25.29 13.68
CA SER D 68 -0.89 -25.16 13.33
C SER D 68 -1.57 -24.09 14.19
N VAL D 69 -2.69 -23.60 13.68
CA VAL D 69 -3.56 -22.68 14.40
C VAL D 69 -4.93 -23.32 14.47
N GLN D 70 -5.69 -22.96 15.49
CA GLN D 70 -7.01 -23.51 15.71
C GLN D 70 -8.06 -22.55 15.19
N TRP D 71 -8.78 -22.96 14.14
CA TRP D 71 -9.92 -22.19 13.68
C TRP D 71 -11.04 -22.25 14.70
N GLU D 72 -11.56 -21.10 15.08
CA GLU D 72 -12.66 -21.02 16.03
C GLU D 72 -13.83 -20.27 15.43
N LYS D 73 -14.96 -20.32 16.12
CA LYS D 73 -16.16 -19.68 15.60
C LYS D 73 -16.06 -18.16 15.58
N THR D 74 -15.05 -17.60 16.27
CA THR D 74 -14.89 -16.16 16.33
C THR D 74 -13.49 -15.70 15.92
N SER D 75 -12.64 -16.59 15.46
CA SER D 75 -11.29 -16.17 15.12
C SER D 75 -11.32 -15.27 13.90
N PRO D 76 -10.70 -14.09 13.93
CA PRO D 76 -10.75 -13.21 12.77
C PRO D 76 -9.66 -13.39 11.72
N GLY D 77 -8.65 -14.21 11.97
CA GLY D 77 -7.63 -14.43 10.95
C GLY D 77 -6.22 -14.51 11.48
N TRP D 78 -5.28 -14.92 10.63
CA TRP D 78 -3.87 -15.07 10.98
C TRP D 78 -3.02 -14.57 9.82
N TRP D 79 -1.76 -14.26 10.11
CA TRP D 79 -0.84 -13.92 9.05
C TRP D 79 0.56 -14.42 9.38
N TRP D 80 1.29 -14.79 8.33
CA TRP D 80 2.69 -15.19 8.41
C TRP D 80 3.48 -14.33 7.45
N LYS D 81 4.68 -13.93 7.85
CA LYS D 81 5.54 -13.11 7.01
C LYS D 81 6.73 -13.96 6.56
N PHE D 82 6.88 -14.07 5.24
CA PHE D 82 7.87 -14.92 4.61
C PHE D 82 8.87 -14.09 3.83
N PRO D 83 10.10 -14.59 3.62
CA PRO D 83 10.60 -15.90 4.05
C PRO D 83 11.08 -15.92 5.50
N GLU D 84 10.82 -14.83 6.24
CA GLU D 84 11.37 -14.73 7.59
C GLU D 84 10.78 -15.79 8.52
N ALA D 85 9.53 -16.19 8.31
CA ALA D 85 8.95 -17.26 9.13
C ALA D 85 9.66 -18.59 8.93
N LEU D 86 10.56 -18.68 7.96
CA LEU D 86 11.27 -19.91 7.65
C LEU D 86 12.71 -19.90 8.15
N LYS D 87 13.10 -18.90 8.92
CA LYS D 87 14.37 -18.97 9.62
C LYS D 87 14.30 -20.13 10.61
N ASN D 88 15.46 -20.67 10.95
CA ASN D 88 15.61 -21.93 11.71
C ASN D 88 14.51 -22.94 11.33
N MET D 89 14.34 -23.12 10.01
CA MET D 89 13.50 -24.17 9.45
C MET D 89 14.39 -24.97 8.50
N GLY D 90 15.16 -25.90 9.06
CA GLY D 90 16.07 -26.73 8.28
C GLY D 90 17.19 -25.96 7.62
N LEU D 91 17.72 -26.56 6.55
CA LEU D 91 18.83 -25.95 5.81
C LEU D 91 18.40 -24.70 5.05
N PHE D 92 17.10 -24.52 4.83
CA PHE D 92 16.63 -23.25 4.28
C PHE D 92 16.93 -22.11 5.25
N GLY D 93 16.56 -22.28 6.53
CA GLY D 93 16.91 -21.29 7.52
C GLY D 93 18.40 -21.13 7.70
N GLN D 94 19.15 -22.23 7.58
CA GLN D 94 20.60 -22.14 7.67
C GLN D 94 21.18 -21.31 6.54
N ASN D 95 20.73 -21.56 5.31
CA ASN D 95 21.23 -20.78 4.18
C ASN D 95 20.77 -19.33 4.26
N MET D 96 19.62 -19.07 4.87
CA MET D 96 19.24 -17.69 5.16
C MET D 96 20.25 -17.03 6.09
N HIS D 97 20.65 -17.75 7.14
CA HIS D 97 21.56 -17.17 8.12
C HIS D 97 22.94 -16.90 7.52
N TYR D 98 23.46 -17.84 6.73
CA TYR D 98 24.84 -17.77 6.27
C TYR D 98 25.03 -16.91 5.04
N HIS D 99 23.95 -16.47 4.40
CA HIS D 99 24.07 -15.72 3.16
C HIS D 99 23.48 -14.33 3.32
N TYR D 100 24.00 -13.41 2.51
CA TYR D 100 23.51 -12.04 2.51
C TYR D 100 22.29 -11.89 1.63
N LEU D 101 22.28 -12.56 0.48
CA LEU D 101 21.17 -12.52 -0.46
C LEU D 101 20.51 -13.88 -0.58
N GLY D 102 19.23 -13.86 -0.90
CA GLY D 102 18.49 -15.08 -1.17
C GLY D 102 17.34 -14.75 -2.11
N ARG D 103 16.88 -15.77 -2.82
CA ARG D 103 15.84 -15.57 -3.83
C ARG D 103 15.14 -16.90 -4.06
N ALA D 104 13.82 -16.91 -3.86
CA ALA D 104 13.09 -18.16 -4.00
C ALA D 104 11.62 -17.89 -4.27
N GLY D 105 11.00 -18.82 -5.00
CA GLY D 105 9.56 -18.90 -5.07
C GLY D 105 9.07 -19.94 -4.07
N TYR D 106 7.75 -19.97 -3.88
CA TYR D 106 7.20 -20.81 -2.82
C TYR D 106 5.90 -21.47 -3.27
N THR D 107 5.70 -22.69 -2.78
CA THR D 107 4.42 -23.39 -2.85
C THR D 107 3.81 -23.33 -1.46
N ILE D 108 2.77 -22.52 -1.29
CA ILE D 108 2.11 -22.36 0.00
C ILE D 108 0.88 -23.25 -0.02
N HIS D 109 0.97 -24.41 0.61
CA HIS D 109 -0.16 -25.33 0.75
C HIS D 109 -0.78 -25.15 2.13
N VAL D 110 -2.03 -24.70 2.16
CA VAL D 110 -2.76 -24.49 3.41
C VAL D 110 -3.79 -25.60 3.53
N GLN D 111 -3.86 -26.23 4.70
CA GLN D 111 -4.71 -27.40 4.90
C GLN D 111 -5.70 -27.13 6.02
N CYS D 112 -6.98 -27.39 5.73
CA CYS D 112 -8.04 -27.25 6.71
C CYS D 112 -9.16 -28.21 6.32
N ASN D 113 -9.17 -29.40 6.91
CA ASN D 113 -10.26 -30.34 6.67
C ASN D 113 -11.32 -30.21 7.76
N ALA D 114 -12.56 -30.52 7.38
CA ALA D 114 -13.69 -30.52 8.30
C ALA D 114 -14.82 -31.34 7.67
N SER D 115 -15.74 -31.76 8.51
CA SER D 115 -16.83 -32.65 8.08
C SER D 115 -17.74 -31.94 7.07
N LYS D 116 -18.70 -32.70 6.54
CA LYS D 116 -19.72 -32.12 5.71
C LYS D 116 -20.79 -31.39 6.52
N PHE D 117 -20.76 -31.51 7.84
CA PHE D 117 -21.68 -30.82 8.73
C PHE D 117 -21.04 -29.57 9.34
N HIS D 118 -19.83 -29.24 8.91
CA HIS D 118 -19.19 -27.97 9.24
C HIS D 118 -19.41 -26.99 8.10
N GLN D 119 -19.12 -25.72 8.36
CA GLN D 119 -19.20 -24.70 7.34
C GLN D 119 -18.26 -23.57 7.69
N GLY D 120 -17.86 -22.83 6.68
CA GLY D 120 -16.92 -21.75 6.84
C GLY D 120 -16.10 -21.56 5.58
N CYS D 121 -15.56 -20.36 5.43
CA CYS D 121 -14.79 -20.04 4.25
C CYS D 121 -13.62 -19.15 4.64
N LEU D 122 -12.43 -19.51 4.20
CA LEU D 122 -11.22 -18.75 4.47
C LEU D 122 -10.70 -18.14 3.18
N LEU D 123 -10.17 -16.93 3.28
CA LEU D 123 -9.43 -16.32 2.18
C LEU D 123 -7.94 -16.55 2.45
N VAL D 124 -7.34 -17.43 1.66
CA VAL D 124 -5.92 -17.72 1.76
C VAL D 124 -5.23 -16.91 0.66
N VAL D 125 -4.61 -15.80 1.03
CA VAL D 125 -4.07 -14.85 0.08
C VAL D 125 -2.61 -14.57 0.38
N CYS D 126 -1.80 -14.45 -0.68
CA CYS D 126 -0.40 -14.07 -0.57
C CYS D 126 -0.27 -12.62 -0.98
N VAL D 127 0.11 -11.74 -0.04
CA VAL D 127 0.16 -10.31 -0.28
C VAL D 127 1.63 -9.92 -0.45
N PRO D 128 2.08 -9.57 -1.65
CA PRO D 128 3.44 -9.05 -1.80
C PRO D 128 3.58 -7.70 -1.12
N GLU D 129 4.64 -7.56 -0.32
CA GLU D 129 4.93 -6.32 0.42
C GLU D 129 3.72 -5.86 1.22
N ALA D 130 3.21 -6.76 2.06
CA ALA D 130 2.09 -6.41 2.93
C ALA D 130 2.57 -5.49 4.04
N GLU D 131 2.97 -4.27 3.68
CA GLU D 131 3.44 -3.33 4.67
C GLU D 131 2.28 -2.89 5.55
N MET D 132 2.46 -3.01 6.85
CA MET D 132 1.37 -2.84 7.80
C MET D 132 1.56 -1.57 8.63
N GLY D 133 0.44 -1.06 9.13
CA GLY D 133 0.43 0.14 9.94
C GLY D 133 0.35 -0.17 11.42
N CYS D 134 0.88 0.74 12.23
CA CYS D 134 0.89 0.57 13.67
C CYS D 134 -0.45 0.97 14.27
N ALA D 135 -0.80 0.34 15.40
CA ALA D 135 -2.09 0.63 16.02
C ALA D 135 -2.12 2.04 16.61
N ASP D 136 -1.01 2.47 17.19
CA ASP D 136 -0.82 3.86 17.57
C ASP D 136 -0.14 4.56 16.41
N THR D 137 -0.87 5.45 15.73
CA THR D 137 -0.47 5.86 14.39
C THR D 137 0.71 6.83 14.37
N ASP D 138 1.12 7.38 15.53
CA ASP D 138 2.27 8.26 15.51
C ASP D 138 3.58 7.53 15.82
N THR D 139 3.52 6.41 16.53
CA THR D 139 4.71 5.64 16.85
C THR D 139 4.89 4.50 15.86
N THR D 140 5.80 3.57 16.17
CA THR D 140 6.03 2.39 15.37
C THR D 140 6.08 1.17 16.30
N PHE D 141 6.18 -0.01 15.70
CA PHE D 141 6.17 -1.28 16.40
C PHE D 141 7.48 -2.03 16.16
N PRO D 142 7.86 -2.93 17.06
CA PRO D 142 9.08 -3.72 16.83
C PRO D 142 8.84 -4.80 15.78
N ALA D 143 9.90 -5.53 15.41
CA ALA D 143 9.73 -6.60 14.44
C ALA D 143 9.02 -7.81 15.03
N THR D 144 8.96 -7.92 16.36
CA THR D 144 8.27 -9.05 16.97
C THR D 144 6.75 -8.92 16.84
N GLU D 145 6.23 -7.73 16.54
CA GLU D 145 4.82 -7.55 16.28
C GLU D 145 4.44 -7.88 14.85
N LEU D 146 5.43 -8.13 13.98
CA LEU D 146 5.18 -8.52 12.59
C LEU D 146 5.49 -9.99 12.33
N THR D 147 6.61 -10.48 12.84
CA THR D 147 7.07 -11.82 12.57
C THR D 147 6.57 -12.80 13.63
N THR D 148 6.56 -14.07 13.25
CA THR D 148 6.12 -15.16 14.12
C THR D 148 7.05 -15.33 15.34
N ASP D 150 7.59 -19.41 15.10
CA ASP D 150 6.69 -20.03 16.07
C ASP D 150 5.22 -19.81 15.69
N THR D 151 4.43 -19.27 16.63
CA THR D 151 3.02 -19.01 16.38
C THR D 151 2.87 -17.76 15.52
N PRO D 152 1.84 -17.73 14.65
CA PRO D 152 1.60 -16.54 13.84
C PRO D 152 0.77 -15.50 14.58
N HIS D 153 0.84 -14.27 14.07
CA HIS D 153 0.03 -13.20 14.61
C HIS D 153 -1.39 -13.31 14.09
N VAL D 154 -2.33 -12.83 14.89
CA VAL D 154 -3.74 -12.93 14.57
C VAL D 154 -4.29 -11.55 14.26
N PHE D 155 -5.26 -11.51 13.35
CA PHE D 155 -6.05 -10.31 13.21
C PHE D 155 -6.99 -10.19 14.41
N THR D 156 -7.63 -9.05 14.51
CA THR D 156 -8.59 -8.79 15.59
C THR D 156 -9.90 -8.35 14.96
N SER D 157 -11.00 -8.64 15.62
CA SER D 157 -12.29 -8.22 15.12
C SER D 157 -12.44 -6.72 15.15
N ASP D 158 -12.01 -6.13 16.26
CA ASP D 158 -12.08 -4.70 16.50
C ASP D 158 -10.73 -4.04 16.42
N SER D 159 -10.72 -2.73 16.42
CA SER D 159 -9.51 -1.94 16.33
C SER D 159 -8.81 -1.88 17.68
N ILE D 160 -7.59 -2.40 17.72
CA ILE D 160 -6.74 -2.46 18.90
C ILE D 160 -5.87 -1.21 18.99
N THR D 161 -5.16 -1.06 20.12
CA THR D 161 -4.23 0.02 20.36
C THR D 161 -2.90 -0.56 20.79
N GLY D 162 -1.86 0.27 20.80
CA GLY D 162 -0.54 -0.14 21.25
C GLY D 162 0.48 -0.11 20.12
N LYS D 163 1.73 -0.35 20.50
CA LYS D 163 2.84 -0.37 19.55
C LYS D 163 2.89 -1.73 18.87
N LYS D 164 1.85 -1.98 18.07
CA LYS D 164 1.69 -3.23 17.35
C LYS D 164 0.89 -2.97 16.08
N VAL D 165 0.78 -4.00 15.25
CA VAL D 165 0.05 -3.85 14.00
C VAL D 165 -1.42 -3.62 14.28
N GLN D 166 -2.02 -2.68 13.56
CA GLN D 166 -3.45 -2.44 13.64
C GLN D 166 -4.17 -3.62 12.99
N ALA D 167 -4.50 -4.63 13.80
CA ALA D 167 -4.93 -5.92 13.27
C ALA D 167 -6.44 -6.03 13.08
N ALA D 168 -7.18 -4.93 13.19
CA ALA D 168 -8.60 -4.95 12.89
C ALA D 168 -8.81 -5.51 11.49
N VAL D 169 -9.49 -6.65 11.40
CA VAL D 169 -9.44 -7.44 10.18
C VAL D 169 -10.13 -6.75 9.01
N CYS D 170 -11.01 -5.78 9.28
CA CYS D 170 -11.67 -5.10 8.18
C CYS D 170 -10.66 -4.37 7.31
N ASN D 171 -9.68 -3.73 7.93
CA ASN D 171 -8.49 -3.24 7.27
C ASN D 171 -7.36 -4.24 7.51
N ALA D 172 -7.07 -5.07 6.51
CA ALA D 172 -6.21 -6.23 6.74
C ALA D 172 -4.81 -5.77 7.16
N GLY D 173 -4.70 -5.04 8.26
CA GLY D 173 -3.44 -4.45 8.71
C GLY D 173 -2.84 -3.42 7.78
N MET D 174 -3.43 -3.23 6.60
CA MET D 174 -2.82 -2.41 5.56
C MET D 174 -3.65 -1.19 5.17
N GLY D 175 -4.74 -0.91 5.88
CA GLY D 175 -5.50 0.28 5.57
C GLY D 175 -6.25 0.21 4.26
N VAL D 176 -6.80 -0.96 3.94
CA VAL D 176 -7.46 -1.23 2.67
C VAL D 176 -8.75 -2.00 2.97
N GLY D 177 -9.50 -2.30 1.92
CA GLY D 177 -10.65 -3.16 2.07
C GLY D 177 -10.23 -4.62 2.09
N VAL D 178 -10.61 -5.36 3.14
CA VAL D 178 -10.19 -6.76 3.22
C VAL D 178 -10.85 -7.57 2.13
N GLY D 179 -12.02 -7.13 1.64
CA GLY D 179 -12.66 -7.81 0.55
C GLY D 179 -11.95 -7.65 -0.77
N ASN D 180 -11.07 -6.68 -0.89
CA ASN D 180 -10.32 -6.44 -2.11
C ASN D 180 -9.00 -7.18 -2.14
N LEU D 181 -8.70 -7.99 -1.12
CA LEU D 181 -7.47 -8.76 -1.10
C LEU D 181 -7.38 -9.79 -2.21
N THR D 182 -8.49 -10.04 -2.92
CA THR D 182 -8.48 -11.02 -4.00
C THR D 182 -7.76 -10.50 -5.25
N ILE D 183 -7.20 -9.28 -5.20
CA ILE D 183 -6.34 -8.81 -6.29
C ILE D 183 -4.96 -9.44 -6.22
N PHE D 184 -4.63 -10.09 -5.12
CA PHE D 184 -3.39 -10.82 -4.91
C PHE D 184 -3.62 -12.30 -5.14
N PRO D 185 -2.55 -13.08 -5.41
CA PRO D 185 -2.73 -14.52 -5.61
C PRO D 185 -3.37 -15.18 -4.41
N HIS D 186 -4.59 -15.66 -4.60
CA HIS D 186 -5.39 -16.14 -3.48
C HIS D 186 -6.14 -17.37 -3.95
N GLN D 187 -6.73 -18.07 -2.97
CA GLN D 187 -7.74 -19.08 -3.16
C GLN D 187 -8.60 -19.08 -1.91
N TRP D 188 -9.65 -19.88 -1.92
CA TRP D 188 -10.49 -20.03 -0.74
C TRP D 188 -10.53 -21.47 -0.24
N ILE D 189 -10.70 -21.63 1.06
CA ILE D 189 -11.02 -22.95 1.59
C ILE D 189 -12.47 -22.93 2.05
N ASN D 190 -13.37 -23.30 1.15
CA ASN D 190 -14.76 -23.50 1.50
C ASN D 190 -14.90 -24.92 2.05
N LEU D 191 -15.25 -25.04 3.33
CA LEU D 191 -15.30 -26.35 3.96
C LEU D 191 -16.29 -27.29 3.29
N ARG D 192 -17.19 -26.77 2.47
CA ARG D 192 -18.09 -27.61 1.69
C ARG D 192 -17.53 -27.98 0.33
N THR D 193 -16.42 -27.36 -0.09
CA THR D 193 -15.86 -27.57 -1.41
C THR D 193 -14.49 -28.22 -1.37
N ASN D 194 -13.55 -27.62 -0.65
CA ASN D 194 -12.18 -28.11 -0.61
C ASN D 194 -11.67 -28.03 0.82
N ASN D 195 -10.59 -28.78 1.08
CA ASN D 195 -9.94 -28.73 2.38
C ASN D 195 -8.49 -28.26 2.28
N SER D 196 -8.08 -27.74 1.12
CA SER D 196 -6.72 -27.26 0.96
C SER D 196 -6.69 -26.17 -0.09
N ALA D 197 -5.74 -25.25 0.07
CA ALA D 197 -5.50 -24.19 -0.90
C ALA D 197 -4.01 -24.21 -1.24
N THR D 198 -3.70 -24.22 -2.53
CA THR D 198 -2.32 -24.22 -3.00
C THR D 198 -2.08 -22.94 -3.80
N ILE D 199 -1.05 -22.19 -3.41
CA ILE D 199 -0.63 -21.00 -4.13
C ILE D 199 0.85 -21.14 -4.44
N VAL D 200 1.18 -21.14 -5.72
CA VAL D 200 2.57 -21.20 -6.17
C VAL D 200 2.96 -19.77 -6.53
N ILE D 201 3.66 -19.10 -5.63
CA ILE D 201 4.07 -17.71 -5.82
C ILE D 201 5.50 -17.69 -6.31
N PRO D 202 5.82 -16.94 -7.35
CA PRO D 202 7.21 -16.81 -7.80
C PRO D 202 7.94 -15.79 -6.94
N TYR D 203 9.19 -15.54 -7.30
CA TYR D 203 9.94 -14.50 -6.63
C TYR D 203 9.45 -13.15 -7.10
N ILE D 204 8.87 -12.38 -6.20
CA ILE D 204 8.34 -11.05 -6.52
C ILE D 204 9.10 -10.04 -5.67
N ASN D 205 9.79 -9.12 -6.33
CA ASN D 205 10.57 -8.08 -5.68
C ASN D 205 10.91 -7.05 -6.73
N SER D 206 11.43 -5.91 -6.28
CA SER D 206 11.93 -4.89 -7.19
C SER D 206 13.42 -5.04 -7.46
N VAL D 207 14.05 -6.09 -6.94
CA VAL D 207 15.47 -6.32 -7.11
C VAL D 207 15.70 -7.81 -7.36
N PRO D 208 16.80 -8.15 -8.03
CA PRO D 208 17.02 -9.57 -8.38
C PRO D 208 17.05 -10.49 -7.19
N MET D 209 17.77 -10.12 -6.13
CA MET D 209 17.77 -10.85 -4.88
C MET D 209 17.66 -9.86 -3.74
N ASP D 210 17.39 -10.39 -2.54
CA ASP D 210 17.27 -9.53 -1.38
C ASP D 210 17.65 -10.31 -0.14
N ASN D 211 17.80 -9.58 0.96
CA ASN D 211 18.08 -10.20 2.24
C ASN D 211 16.83 -10.90 2.76
N MET D 212 17.00 -12.14 3.21
CA MET D 212 15.88 -12.96 3.65
C MET D 212 15.39 -12.61 5.04
N PHE D 213 16.02 -11.65 5.71
CA PHE D 213 15.68 -11.32 7.09
C PHE D 213 15.02 -9.97 7.24
N ARG D 214 15.65 -8.91 6.74
CA ARG D 214 15.11 -7.58 6.96
C ARG D 214 13.99 -7.23 5.98
N HIS D 215 13.70 -8.08 5.00
CA HIS D 215 12.64 -7.82 4.04
C HIS D 215 11.67 -8.99 4.06
N TYR D 216 10.38 -8.69 4.21
CA TYR D 216 9.32 -9.70 4.14
C TYR D 216 8.72 -9.60 2.76
N ASN D 217 9.09 -10.55 1.89
CA ASN D 217 8.69 -10.45 0.49
C ASN D 217 7.19 -10.57 0.33
N PHE D 218 6.54 -11.47 1.08
CA PHE D 218 5.09 -11.54 1.05
C PHE D 218 4.58 -12.03 2.39
N THR D 219 3.35 -11.65 2.70
CA THR D 219 2.64 -12.13 3.87
C THR D 219 1.52 -13.06 3.43
N LEU D 220 1.39 -14.19 4.11
CA LEU D 220 0.29 -15.11 3.89
C LEU D 220 -0.79 -14.83 4.93
N MET D 221 -1.98 -14.50 4.46
CA MET D 221 -3.11 -14.22 5.33
C MET D 221 -4.18 -15.30 5.16
N ILE D 222 -4.63 -15.85 6.28
CA ILE D 222 -5.80 -16.72 6.32
C ILE D 222 -6.88 -15.99 7.12
N ILE D 223 -7.94 -15.56 6.42
CA ILE D 223 -8.98 -14.74 7.00
C ILE D 223 -10.34 -15.39 6.76
N PRO D 224 -11.01 -15.90 7.80
CA PRO D 224 -12.35 -16.47 7.59
C PRO D 224 -13.40 -15.42 7.21
N PHE D 225 -13.82 -15.45 5.94
CA PHE D 225 -14.84 -14.53 5.47
C PHE D 225 -16.23 -14.99 5.86
N ALA D 226 -16.45 -16.30 5.91
CA ALA D 226 -17.64 -16.87 6.53
C ALA D 226 -17.19 -17.62 7.77
N PRO D 227 -17.69 -17.28 8.96
CA PRO D 227 -17.14 -17.87 10.18
C PRO D 227 -17.40 -19.37 10.27
N LEU D 228 -16.52 -20.05 10.99
CA LEU D 228 -16.68 -21.49 11.20
C LEU D 228 -17.91 -21.75 12.05
N ASN D 229 -18.73 -22.69 11.63
CA ASN D 229 -19.95 -23.01 12.34
C ASN D 229 -20.21 -24.51 12.29
N PHE D 230 -20.73 -25.04 13.39
CA PHE D 230 -21.07 -26.44 13.49
C PHE D 230 -21.95 -26.62 14.72
N THR D 231 -22.81 -27.63 14.69
CA THR D 231 -23.69 -27.92 15.80
C THR D 231 -22.94 -28.79 16.80
N ASP D 232 -23.54 -28.99 17.98
CA ASP D 232 -22.83 -29.73 19.02
C ASP D 232 -22.85 -31.22 18.72
N GLY D 233 -21.72 -31.88 18.97
CA GLY D 233 -21.44 -33.22 18.50
C GLY D 233 -20.42 -33.25 17.39
N ALA D 234 -20.36 -32.20 16.57
CA ALA D 234 -19.31 -32.10 15.56
C ALA D 234 -17.98 -31.78 16.22
N THR D 235 -16.90 -32.14 15.53
CA THR D 235 -15.56 -31.92 16.05
C THR D 235 -15.32 -30.43 16.28
N ALA D 236 -15.07 -30.06 17.54
CA ALA D 236 -14.87 -28.66 17.87
C ALA D 236 -13.48 -28.17 17.48
N TYR D 237 -12.49 -29.07 17.47
CA TYR D 237 -11.11 -28.70 17.16
C TYR D 237 -10.91 -28.81 15.65
N VAL D 238 -10.81 -27.68 14.98
CA VAL D 238 -10.56 -27.62 13.54
C VAL D 238 -9.30 -26.80 13.31
N PRO D 239 -8.16 -27.44 13.15
CA PRO D 239 -6.91 -26.72 12.93
C PRO D 239 -6.74 -26.28 11.48
N ILE D 240 -5.83 -25.33 11.30
CA ILE D 240 -5.43 -24.84 9.99
C ILE D 240 -3.91 -24.93 9.93
N THR D 241 -3.40 -25.80 9.08
CA THR D 241 -1.96 -26.02 8.96
C THR D 241 -1.44 -25.36 7.69
N VAL D 242 -0.30 -24.69 7.80
CA VAL D 242 0.34 -24.03 6.68
C VAL D 242 1.62 -24.78 6.37
N THR D 243 1.66 -25.41 5.18
CA THR D 243 2.86 -26.06 4.67
C THR D 243 3.38 -25.23 3.50
N ILE D 244 4.61 -24.76 3.60
CA ILE D 244 5.20 -23.92 2.57
C ILE D 244 6.53 -24.53 2.15
N ALA D 245 6.79 -24.50 0.84
CA ALA D 245 8.02 -25.06 0.27
C ALA D 245 8.68 -24.01 -0.60
N PRO D 246 9.89 -23.57 -0.26
CA PRO D 246 10.66 -22.75 -1.21
C PRO D 246 10.91 -23.51 -2.50
N MET D 247 11.13 -22.74 -3.57
CA MET D 247 11.32 -23.33 -4.89
C MET D 247 12.34 -22.51 -5.66
N TYR D 248 13.24 -23.20 -6.35
CA TYR D 248 14.32 -22.56 -7.08
C TYR D 248 15.08 -21.59 -6.20
N ALA D 249 15.38 -22.02 -4.98
CA ALA D 249 16.07 -21.18 -4.02
C ALA D 249 17.55 -21.10 -4.35
N GLU D 250 18.11 -19.90 -4.27
CA GLU D 250 19.53 -19.68 -4.50
C GLU D 250 20.01 -18.56 -3.61
N TYR D 251 21.30 -18.56 -3.28
CA TYR D 251 21.83 -17.60 -2.33
C TYR D 251 23.20 -17.09 -2.79
N ASN D 252 23.45 -15.82 -2.52
CA ASN D 252 24.72 -15.18 -2.86
C ASN D 252 25.28 -14.52 -1.60
N GLY D 253 26.51 -14.05 -1.72
CA GLY D 253 27.14 -13.31 -0.63
C GLY D 253 27.31 -14.09 0.64
N LEU D 254 27.79 -15.33 0.55
CA LEU D 254 28.04 -16.13 1.73
C LEU D 254 29.08 -15.48 2.64
N ARG D 255 28.76 -15.38 3.92
CA ARG D 255 29.59 -14.77 4.95
C ARG D 255 29.30 -15.49 6.26
N LEU D 256 29.80 -14.93 7.36
CA LEU D 256 29.54 -15.56 8.64
C LEU D 256 28.05 -15.46 8.94
N ALA D 257 27.54 -16.44 9.65
CA ALA D 257 26.09 -16.54 9.88
C ALA D 257 25.55 -15.41 10.76
N SER D 258 24.33 -14.98 10.42
CA SER D 258 23.58 -14.05 11.24
C SER D 258 23.27 -14.70 12.59
N THR D 259 22.91 -13.87 13.56
CA THR D 259 22.53 -14.34 14.89
C THR D 259 21.07 -14.02 15.19
N GLN D 260 20.19 -14.19 14.20
CA GLN D 260 18.77 -13.95 14.40
C GLN D 260 17.93 -15.11 13.86
N SER E 6 33.96 28.23 24.70
CA SER E 6 33.41 26.89 24.58
C SER E 6 31.93 26.78 25.07
N LEU E 7 31.03 27.27 24.23
CA LEU E 7 29.64 27.17 24.49
C LEU E 7 29.14 25.76 24.25
N LEU E 8 28.26 25.26 25.17
CA LEU E 8 27.80 23.87 25.16
C LEU E 8 26.40 23.79 25.73
N TYR E 9 25.58 22.98 25.08
CA TYR E 9 24.21 22.64 25.53
C TYR E 9 24.14 21.17 25.91
N HIS E 10 23.68 20.91 27.14
CA HIS E 10 23.49 19.54 27.63
C HIS E 10 21.98 19.25 27.65
N LEU E 11 21.49 18.58 26.61
CA LEU E 11 20.08 18.29 26.46
C LEU E 11 19.81 16.87 26.94
N THR E 12 18.66 16.68 27.58
CA THR E 12 18.27 15.35 28.05
C THR E 12 16.78 15.15 27.83
N ALA E 13 16.40 13.90 27.59
CA ALA E 13 15.01 13.54 27.44
C ALA E 13 14.79 12.13 27.98
N VAL E 14 13.61 11.93 28.55
CA VAL E 14 13.25 10.68 29.19
C VAL E 14 11.89 10.25 28.65
N SER E 15 11.79 9.01 28.22
CA SER E 15 10.49 8.49 27.83
C SER E 15 9.54 8.43 29.03
N SER E 16 10.05 8.01 30.18
CA SER E 16 9.25 7.76 31.38
C SER E 16 9.70 8.66 32.52
N PRO E 17 9.24 9.90 32.58
CA PRO E 17 9.62 10.75 33.70
C PRO E 17 8.66 10.64 34.86
N ALA E 18 9.19 10.79 36.07
CA ALA E 18 8.39 10.76 37.27
C ALA E 18 7.78 12.13 37.52
N PRO E 19 6.46 12.24 37.72
CA PRO E 19 5.80 13.52 37.99
C PRO E 19 6.00 13.99 39.42
N PRO E 22 9.65 16.33 34.45
CA PRO E 22 10.48 16.97 33.41
C PRO E 22 10.93 15.98 32.33
N ALA E 23 10.15 15.87 31.26
CA ALA E 23 10.51 14.98 30.16
C ALA E 23 11.69 15.49 29.36
N PHE E 24 12.01 16.79 29.46
CA PHE E 24 13.07 17.40 28.69
C PHE E 24 13.62 18.59 29.46
N TRP E 25 14.94 18.64 29.63
CA TRP E 25 15.55 19.77 30.32
C TRP E 25 16.95 20.00 29.79
N VAL E 26 17.33 21.28 29.66
CA VAL E 26 18.59 21.67 29.03
C VAL E 26 19.43 22.47 30.03
N SER E 27 20.76 22.34 29.89
CA SER E 27 21.72 23.10 30.70
C SER E 27 22.75 23.71 29.75
N GLY E 28 22.73 25.04 29.61
CA GLY E 28 23.73 25.70 28.79
C GLY E 28 24.97 26.07 29.59
N TRP E 29 26.13 25.88 28.98
CA TRP E 29 27.42 26.04 29.63
C TRP E 29 28.35 26.87 28.75
N LEU E 30 29.13 27.74 29.39
CA LEU E 30 30.28 28.39 28.78
C LEU E 30 31.54 27.89 29.48
N GLY E 31 32.18 26.89 28.88
CA GLY E 31 33.31 26.23 29.48
C GLY E 31 32.91 25.50 30.75
N PRO E 32 33.46 25.94 31.89
CA PRO E 32 33.14 25.29 33.18
C PRO E 32 31.98 25.93 33.93
N GLN E 33 31.33 26.95 33.37
CA GLN E 33 30.22 27.63 34.05
C GLN E 33 28.88 27.49 33.34
N GLN E 34 27.84 27.18 34.09
CA GLN E 34 26.50 26.98 33.53
C GLN E 34 25.74 28.31 33.61
N TYR E 35 25.27 28.80 32.45
CA TYR E 35 24.52 30.04 32.38
C TYR E 35 23.04 29.86 32.09
N LEU E 36 22.68 28.89 31.24
CA LEU E 36 21.31 28.68 30.79
C LEU E 36 20.76 27.37 31.33
N SER E 37 19.50 27.40 31.75
CA SER E 37 18.75 26.21 32.14
C SER E 37 17.36 26.27 31.52
N TYR E 38 16.95 25.17 30.92
CA TYR E 38 15.65 25.06 30.27
C TYR E 38 14.97 23.78 30.74
N ASN E 39 13.67 23.86 30.97
CA ASN E 39 12.86 22.69 31.32
C ASN E 39 11.60 22.69 30.47
N SER E 40 11.10 21.48 30.15
CA SER E 40 9.92 21.34 29.29
C SER E 40 8.66 21.88 29.94
N LEU E 41 8.56 21.78 31.26
CA LEU E 41 7.40 22.35 31.94
C LEU E 41 7.34 23.86 31.74
N ARG E 42 8.41 24.55 32.11
CA ARG E 42 8.49 26.00 31.88
C ARG E 42 9.22 26.29 30.58
N LEU E 68 14.97 26.46 21.76
CA LEU E 68 15.13 25.15 22.40
C LEU E 68 13.82 24.40 22.47
N ARG E 69 12.71 25.13 22.56
CA ARG E 69 11.39 24.51 22.52
C ARG E 69 11.17 23.69 21.26
N ILE E 70 11.81 24.07 20.15
CA ILE E 70 11.71 23.27 18.93
C ILE E 70 12.54 21.99 19.05
N LYS E 71 13.61 22.01 19.83
CA LYS E 71 14.32 20.77 20.08
C LYS E 71 13.71 19.96 21.22
N GLU E 72 12.93 20.61 22.09
CA GLU E 72 12.11 19.87 23.04
C GLU E 72 11.13 18.97 22.31
N LYS E 73 10.46 19.51 21.28
CA LYS E 73 9.58 18.69 20.45
C LYS E 73 10.38 17.70 19.61
N LEU E 74 11.59 18.07 19.19
CA LEU E 74 12.41 17.17 18.40
C LEU E 74 12.91 15.99 19.23
N PHE E 75 13.12 16.19 20.52
CA PHE E 75 13.61 15.11 21.38
C PHE E 75 12.47 14.20 21.81
N LEU E 76 11.30 14.76 22.10
CA LEU E 76 10.16 13.93 22.50
C LEU E 76 9.57 13.16 21.32
N GLU E 77 9.83 13.62 20.09
CA GLU E 77 9.44 12.86 18.91
C GLU E 77 10.37 11.67 18.67
N ALA E 78 11.56 11.67 19.28
CA ALA E 78 12.51 10.60 19.04
C ALA E 78 12.07 9.28 19.66
N PHE E 79 11.34 9.33 20.78
CA PHE E 79 10.89 8.10 21.43
C PHE E 79 9.77 7.42 20.67
N LYS E 80 9.00 8.16 19.89
CA LYS E 80 7.98 7.55 19.06
C LYS E 80 8.55 6.76 17.89
N ALA E 81 9.83 6.91 17.61
CA ALA E 81 10.47 6.23 16.48
C ALA E 81 11.21 4.98 16.87
N LEU E 82 11.30 4.67 18.17
CA LEU E 82 12.18 3.60 18.63
C LEU E 82 11.52 2.23 18.63
N GLY E 83 10.19 2.16 18.60
CA GLY E 83 9.50 0.89 18.48
C GLY E 83 9.68 -0.06 19.63
N GLY E 84 10.58 0.23 20.58
CA GLY E 84 10.78 -0.63 21.72
C GLY E 84 9.85 -0.25 22.88
N LYS E 85 9.88 -1.07 23.92
CA LYS E 85 9.00 -0.90 25.07
C LYS E 85 9.69 -0.19 26.22
N GLY E 86 10.88 -0.67 26.62
CA GLY E 86 11.57 -0.18 27.77
C GLY E 86 11.84 1.31 27.74
N PRO E 87 12.05 1.90 28.91
CA PRO E 87 12.26 3.36 28.97
C PRO E 87 13.60 3.76 28.40
N TYR E 88 13.61 4.89 27.70
CA TYR E 88 14.80 5.39 27.03
C TYR E 88 15.19 6.73 27.63
N THR E 89 16.48 7.06 27.50
CA THR E 89 16.98 8.38 27.86
C THR E 89 17.85 8.88 26.72
N LEU E 90 17.46 10.01 26.14
CA LEU E 90 18.17 10.63 25.04
C LEU E 90 18.93 11.85 25.56
N GLN E 91 20.23 11.90 25.28
CA GLN E 91 21.05 13.04 25.64
C GLN E 91 21.64 13.67 24.40
N GLY E 92 21.99 14.93 24.52
CA GLY E 92 22.59 15.67 23.43
C GLY E 92 23.68 16.58 23.94
N LEU E 93 24.68 16.80 23.10
CA LEU E 93 25.75 17.75 23.39
C LEU E 93 25.89 18.62 22.15
N LEU E 94 25.13 19.71 22.11
CA LEU E 94 25.16 20.65 20.99
C LEU E 94 25.90 21.91 21.44
N GLY E 95 26.96 22.25 20.75
CA GLY E 95 27.72 23.42 21.11
C GLY E 95 28.81 23.70 20.12
N CYS E 96 29.63 24.70 20.45
CA CYS E 96 30.71 25.10 19.56
C CYS E 96 31.88 25.61 20.39
N GLU E 97 33.08 25.46 19.84
CA GLU E 97 34.28 26.02 20.41
C GLU E 97 35.04 26.77 19.31
N LEU E 98 35.73 27.84 19.70
CA LEU E 98 36.51 28.61 18.76
C LEU E 98 37.70 27.81 18.24
N SER E 104 35.83 27.98 14.34
CA SER E 104 34.69 27.51 15.13
C SER E 104 34.44 26.03 14.91
N VAL E 105 34.32 25.28 16.01
CA VAL E 105 34.06 23.85 15.91
C VAL E 105 32.74 23.51 16.59
N PRO E 106 31.88 22.76 15.93
CA PRO E 106 30.57 22.39 16.41
C PRO E 106 30.59 20.92 16.76
N THR E 107 30.07 20.58 17.92
CA THR E 107 29.93 19.20 18.35
C THR E 107 28.45 18.89 18.38
N ALA E 108 28.03 17.79 17.77
CA ALA E 108 26.61 17.48 17.71
C ALA E 108 26.34 16.05 18.17
N LYS E 109 27.05 15.58 19.19
CA LYS E 109 26.91 14.21 19.70
C LYS E 109 25.62 13.87 20.47
N PHE E 110 25.18 12.63 20.35
CA PHE E 110 23.97 12.15 21.04
C PHE E 110 24.16 10.78 21.70
N ALA E 111 23.45 10.52 22.80
CA ALA E 111 23.56 9.23 23.47
C ALA E 111 22.18 8.67 23.77
N LEU E 112 21.99 7.39 23.45
CA LEU E 112 20.77 6.67 23.78
C LEU E 112 21.09 5.70 24.92
N ASN E 113 20.47 5.94 26.09
CA ASN E 113 20.71 5.14 27.28
C ASN E 113 22.19 5.16 27.69
N GLY E 114 22.74 6.38 27.76
CA GLY E 114 24.11 6.53 28.20
C GLY E 114 25.15 5.96 27.27
N GLU E 115 24.79 5.72 26.02
CA GLU E 115 25.71 5.21 25.01
C GLU E 115 25.61 6.08 23.78
N GLU E 116 26.72 6.68 23.37
CA GLU E 116 26.72 7.50 22.17
C GLU E 116 26.33 6.63 20.98
N PHE E 117 25.24 7.01 20.31
CA PHE E 117 24.79 6.26 19.16
C PHE E 117 24.73 7.04 17.86
N MET E 118 24.64 8.37 17.90
CA MET E 118 24.55 9.10 16.63
C MET E 118 25.19 10.48 16.75
N ASN E 119 25.58 11.00 15.60
CA ASN E 119 26.31 12.24 15.39
C ASN E 119 25.53 13.08 14.37
N PHE E 120 25.88 14.36 14.25
CA PHE E 120 25.37 15.19 13.16
C PHE E 120 26.48 15.38 12.14
N ASP E 121 26.20 14.99 10.90
CA ASP E 121 27.14 15.18 9.80
C ASP E 121 26.86 16.55 9.17
N LEU E 122 27.81 17.47 9.31
CA LEU E 122 27.58 18.83 8.84
C LEU E 122 27.49 18.92 7.33
N LYS E 123 28.22 18.06 6.62
CA LYS E 123 28.23 18.14 5.16
C LYS E 123 26.87 17.75 4.56
N GLN E 124 26.46 16.52 4.82
CA GLN E 124 25.18 15.98 4.40
C GLN E 124 24.02 16.68 5.11
N GLY E 125 24.28 17.21 6.30
CA GLY E 125 23.26 17.85 7.13
C GLY E 125 22.27 16.86 7.71
N THR E 126 22.72 15.67 8.10
CA THR E 126 21.85 14.62 8.63
C THR E 126 22.44 14.05 9.90
N TRP E 127 21.58 13.69 10.84
CA TRP E 127 22.03 12.95 12.02
C TRP E 127 22.44 11.56 11.57
N GLY E 128 23.61 11.12 12.04
CA GLY E 128 24.16 9.88 11.54
C GLY E 128 24.71 8.98 12.63
N GLY E 129 24.35 7.70 12.55
CA GLY E 129 24.92 6.68 13.40
C GLY E 129 24.87 5.37 12.67
N ASP E 130 25.38 4.33 13.33
CA ASP E 130 25.35 3.00 12.76
C ASP E 130 24.28 2.11 13.36
N TRP E 131 23.91 2.37 14.61
CA TRP E 131 22.89 1.57 15.25
C TRP E 131 21.55 1.76 14.52
N PRO E 132 20.66 0.78 14.62
CA PRO E 132 19.31 0.98 14.06
C PRO E 132 18.57 2.12 14.72
N GLU E 133 18.73 2.29 16.03
CA GLU E 133 18.08 3.39 16.74
C GLU E 133 18.55 4.74 16.20
N ALA E 134 19.83 4.83 15.82
CA ALA E 134 20.35 6.08 15.26
C ALA E 134 19.61 6.45 13.99
N LEU E 135 19.52 5.51 13.05
CA LEU E 135 18.82 5.80 11.81
C LEU E 135 17.34 6.08 12.05
N ALA E 136 16.71 5.32 12.97
CA ALA E 136 15.29 5.52 13.24
C ALA E 136 15.03 6.93 13.75
N ILE E 137 15.79 7.38 14.74
CA ILE E 137 15.61 8.72 15.28
C ILE E 137 16.03 9.76 14.25
N SER E 138 17.10 9.50 13.51
CA SER E 138 17.51 10.42 12.45
C SER E 138 16.38 10.61 11.43
N GLN E 139 15.72 9.52 11.04
CA GLN E 139 14.67 9.64 10.04
C GLN E 139 13.44 10.34 10.61
N ARG E 140 13.05 10.01 11.84
CA ARG E 140 11.94 10.71 12.50
C ARG E 140 12.20 12.20 12.59
N TRP E 141 13.46 12.60 12.78
CA TRP E 141 13.79 14.01 12.86
C TRP E 141 13.84 14.68 11.50
N GLN E 142 14.20 13.95 10.44
CA GLN E 142 14.21 14.58 9.12
C GLN E 142 12.86 14.55 8.44
N GLN E 143 11.86 13.95 9.06
CA GLN E 143 10.52 14.03 8.55
C GLN E 143 10.10 15.49 8.69
N GLN E 144 10.61 16.20 9.71
CA GLN E 144 10.22 17.58 9.97
C GLN E 144 10.62 18.52 8.82
N ASP E 145 11.44 18.04 7.88
CA ASP E 145 11.63 18.62 6.55
C ASP E 145 12.45 19.91 6.54
N LYS E 146 12.67 20.50 7.72
CA LYS E 146 13.66 21.57 7.84
C LYS E 146 14.42 21.50 9.15
N ALA E 147 14.14 20.51 10.01
CA ALA E 147 14.85 20.39 11.27
C ALA E 147 16.34 20.15 11.05
N ALA E 148 16.70 19.51 9.94
CA ALA E 148 18.10 19.34 9.60
C ALA E 148 18.77 20.69 9.36
N ASN E 149 18.10 21.59 8.63
CA ASN E 149 18.65 22.92 8.41
C ASN E 149 18.62 23.76 9.68
N LYS E 150 17.64 23.54 10.56
CA LYS E 150 17.63 24.23 11.84
C LYS E 150 18.83 23.82 12.68
N GLU E 151 19.17 22.54 12.67
CA GLU E 151 20.32 22.06 13.42
C GLU E 151 21.62 22.58 12.82
N LEU E 152 21.74 22.56 11.48
CA LEU E 152 22.98 23.00 10.85
C LEU E 152 23.24 24.48 11.07
N THR E 153 22.21 25.31 10.96
CA THR E 153 22.38 26.74 11.25
C THR E 153 22.70 26.97 12.70
N PHE E 154 22.03 26.23 13.60
CA PHE E 154 22.33 26.33 15.02
C PHE E 154 23.80 26.07 15.30
N LEU E 155 24.38 25.04 14.68
CA LEU E 155 25.78 24.71 14.95
C LEU E 155 26.73 25.61 14.18
N LEU E 156 26.35 26.05 12.99
CA LEU E 156 27.29 26.78 12.15
C LEU E 156 27.30 28.28 12.42
N PHE E 157 26.16 28.88 12.71
CA PHE E 157 26.15 30.34 12.85
C PHE E 157 25.59 30.84 14.16
N SER E 158 24.55 30.21 14.72
CA SER E 158 23.92 30.80 15.89
C SER E 158 24.64 30.46 17.19
N CYS E 159 25.30 29.31 17.23
CA CYS E 159 26.17 29.03 18.38
C CYS E 159 27.47 29.83 18.34
N PRO E 160 28.20 29.91 17.23
CA PRO E 160 29.38 30.77 17.23
C PRO E 160 29.03 32.23 17.46
N HIS E 161 27.91 32.70 16.91
CA HIS E 161 27.51 34.09 17.12
C HIS E 161 27.28 34.37 18.60
N ARG E 162 26.50 33.52 19.27
CA ARG E 162 26.21 33.74 20.68
C ARG E 162 27.43 33.49 21.56
N LEU E 163 28.31 32.58 21.14
CA LEU E 163 29.54 32.37 21.88
C LEU E 163 30.41 33.63 21.86
N ARG E 164 30.58 34.22 20.69
CA ARG E 164 31.38 35.44 20.60
C ARG E 164 30.67 36.62 21.25
N GLU E 165 29.34 36.64 21.22
CA GLU E 165 28.59 37.69 21.90
C GLU E 165 28.73 37.58 23.41
N HIS E 166 28.82 36.36 23.93
CA HIS E 166 29.10 36.15 25.34
C HIS E 166 30.55 36.51 25.67
N LEU E 167 31.48 36.10 24.82
CA LEU E 167 32.89 36.46 24.98
C LEU E 167 33.07 37.97 25.09
N GLU E 168 32.31 38.74 24.31
CA GLU E 168 32.40 40.20 24.35
C GLU E 168 31.68 40.76 25.58
N ARG E 169 30.48 40.29 25.84
CA ARG E 169 29.68 40.76 26.97
C ARG E 169 30.00 40.03 28.29
N GLY E 170 31.11 39.30 28.34
CA GLY E 170 31.49 38.58 29.55
C GLY E 170 32.90 38.02 29.51
N ILE F 1 23.28 1.47 29.26
CA ILE F 1 23.98 1.04 30.47
C ILE F 1 23.27 1.48 31.75
N GLN F 2 23.89 1.06 32.85
CA GLN F 2 23.55 1.45 34.22
C GLN F 2 24.87 1.86 34.86
N ARG F 3 24.82 2.84 35.76
CA ARG F 3 26.05 3.26 36.42
C ARG F 3 25.88 3.37 37.93
N THR F 4 27.01 3.24 38.62
CA THR F 4 27.05 3.36 40.07
C THR F 4 27.11 4.82 40.47
N PRO F 5 26.16 5.33 41.24
CA PRO F 5 26.15 6.77 41.61
C PRO F 5 27.15 7.12 42.71
N LYS F 6 28.39 7.30 42.28
CA LYS F 6 29.48 7.63 43.21
C LYS F 6 29.17 8.96 43.91
N ILE F 7 29.24 8.94 45.24
CA ILE F 7 28.96 10.12 46.06
C ILE F 7 30.24 10.61 46.73
N GLN F 8 30.45 11.93 46.64
CA GLN F 8 31.64 12.60 47.16
C GLN F 8 31.20 13.71 48.13
N VAL F 27 26.64 12.53 44.57
CA VAL F 27 25.78 12.05 43.50
C VAL F 27 26.35 12.48 42.16
N SER F 28 27.18 11.63 41.54
CA SER F 28 27.68 11.95 40.22
C SER F 28 28.20 10.70 39.53
N GLY F 29 28.38 10.81 38.22
CA GLY F 29 28.80 9.68 37.42
C GLY F 29 27.85 8.49 37.45
N PHE F 30 26.55 8.73 37.33
CA PHE F 30 25.56 7.67 37.37
C PHE F 30 24.69 7.66 36.11
N HIS F 31 23.96 6.57 35.94
CA HIS F 31 23.01 6.39 34.84
C HIS F 31 22.07 5.23 35.19
N PRO F 32 20.75 5.39 34.99
CA PRO F 32 20.08 6.55 34.39
C PRO F 32 19.97 7.78 35.29
N SER F 33 19.12 8.73 34.89
CA SER F 33 18.99 10.01 35.56
C SER F 33 18.25 9.91 36.90
N ASP F 34 17.20 9.08 36.98
CA ASP F 34 16.36 9.08 38.17
C ASP F 34 17.15 8.56 39.36
N ILE F 35 17.19 9.36 40.42
CA ILE F 35 18.09 9.12 41.55
C ILE F 35 17.46 9.61 42.85
N LEU F 54 20.39 19.50 36.93
CA LEU F 54 20.91 18.18 36.58
C LEU F 54 21.55 18.19 35.18
N SER F 55 22.82 17.81 35.14
CA SER F 55 23.56 17.74 33.88
C SER F 55 24.47 16.52 33.91
N PHE F 56 25.12 16.27 32.77
CA PHE F 56 25.95 15.09 32.59
C PHE F 56 27.32 15.51 32.05
N SER F 57 28.26 14.58 32.09
CA SER F 57 29.62 14.82 31.67
C SER F 57 29.86 14.23 30.27
N LYS F 58 31.11 14.25 29.82
CA LYS F 58 31.46 13.66 28.54
C LYS F 58 31.23 12.15 28.58
N ASP F 59 31.13 11.59 29.78
CA ASP F 59 30.77 10.21 30.07
C ASP F 59 29.31 9.89 29.79
N TRP F 60 28.49 10.90 29.51
CA TRP F 60 27.03 10.77 29.44
C TRP F 60 26.44 10.34 30.77
N SER F 61 27.20 10.50 31.85
CA SER F 61 26.76 10.14 33.19
C SER F 61 26.35 11.40 33.94
N PHE F 62 25.15 11.39 34.51
CA PHE F 62 24.60 12.52 35.22
C PHE F 62 25.18 12.71 36.61
N TYR F 63 25.07 13.93 37.12
CA TYR F 63 25.53 14.28 38.44
C TYR F 63 24.74 15.49 38.90
N LEU F 64 24.64 15.70 40.20
CA LEU F 64 23.91 16.85 40.72
C LEU F 64 24.83 17.83 41.45
#